data_2WWW
#
_entry.id   2WWW
#
_cell.length_a   149.430
_cell.length_b   149.430
_cell.length_c   69.060
_cell.angle_alpha   90.00
_cell.angle_beta   90.00
_cell.angle_gamma   90.00
#
_symmetry.space_group_name_H-M   'P 42'
#
loop_
_entity.id
_entity.type
_entity.pdbx_description
1 polymer 'METHYLMALONIC ACIDURIA TYPE A PROTEIN, MITOCHONDRIAL'
2 non-polymer 'NONAETHYLENE GLYCOL'
3 non-polymer "GUANOSINE-5'-DIPHOSPHATE"
4 water water
#
_entity_poly.entity_id   1
_entity_poly.type   'polypeptide(L)'
_entity_poly.pdbx_seq_one_letter_code
;SMKDHTEGLSDKEQRFVDKLYTGLIQGQRACLAEAITLVESTHSRKKELAQVLLQKVLLYHREQEQSNKGKPLAFRVGLS
GPPGAGKSTFIEYFGKMLTERGHKLSVLAVDPSSCTSGGSLLGDKTRMTELSRDMNAYIRPSPTRGTLGGVTRTTNEAIL
LCEGAGYDIILIETVGVGQSEFAVADMVDMFVLLLPPAGGDELQGIKRGIIEMADLVAVTKSDGDLIVPARRIQAEYVSA
LKLLRKRSQVWKPKVIRISARSGEGISEMWDKMKDFQDLMLASGELTAKRRKQQKVWMWNLIQESVLEHFRTHPTVREQI
PLLEQKVLIGALSPGLAADFLLKAFKSRD
;
_entity_poly.pdbx_strand_id   A,B,C,D
#
# COMPACT_ATOMS: atom_id res chain seq x y z
N THR A 6 -42.19 29.32 41.83
CA THR A 6 -42.67 30.63 42.28
C THR A 6 -41.59 31.72 42.25
N GLU A 7 -40.39 31.40 42.85
CA GLU A 7 -39.16 32.21 43.03
C GLU A 7 -38.83 33.37 42.06
N GLY A 8 -38.67 33.06 40.76
CA GLY A 8 -38.37 34.06 39.72
C GLY A 8 -36.91 34.38 39.39
N LEU A 9 -36.71 35.35 38.47
CA LEU A 9 -35.40 35.86 38.00
C LEU A 9 -35.21 37.27 38.48
N SER A 10 -33.93 37.67 38.67
CA SER A 10 -33.48 39.02 39.03
C SER A 10 -33.80 39.88 37.83
N ASP A 11 -34.23 41.13 38.02
CA ASP A 11 -34.60 41.98 36.89
C ASP A 11 -33.48 42.16 35.84
N LYS A 12 -32.19 42.07 36.24
CA LYS A 12 -31.05 42.15 35.31
C LYS A 12 -30.93 40.87 34.43
N GLU A 13 -31.35 39.73 34.99
CA GLU A 13 -31.39 38.43 34.30
C GLU A 13 -32.59 38.41 33.34
N GLN A 14 -33.75 38.97 33.80
CA GLN A 14 -34.99 39.10 33.02
C GLN A 14 -34.82 40.08 31.84
N ARG A 15 -33.95 41.09 31.98
CA ARG A 15 -33.63 42.02 30.90
C ARG A 15 -32.74 41.28 29.88
N PHE A 16 -31.85 40.38 30.38
CA PHE A 16 -30.91 39.62 29.58
C PHE A 16 -31.66 38.66 28.67
N VAL A 17 -32.56 37.84 29.25
CA VAL A 17 -33.39 36.90 28.52
C VAL A 17 -34.21 37.63 27.45
N ASP A 18 -34.87 38.77 27.81
CA ASP A 18 -35.68 39.58 26.89
C ASP A 18 -34.88 40.10 25.70
N LYS A 19 -33.64 40.55 25.95
CA LYS A 19 -32.73 41.04 24.90
C LYS A 19 -32.33 39.89 23.98
N LEU A 20 -31.98 38.73 24.58
CA LEU A 20 -31.61 37.49 23.87
C LEU A 20 -32.77 36.96 22.99
N TYR A 21 -34.00 36.94 23.54
CA TYR A 21 -35.27 36.55 22.92
C TYR A 21 -35.58 37.42 21.66
N THR A 22 -35.53 38.77 21.82
CA THR A 22 -35.83 39.75 20.76
C THR A 22 -34.86 39.63 19.59
N GLY A 23 -33.56 39.59 19.88
CA GLY A 23 -32.49 39.46 18.90
C GLY A 23 -32.65 38.21 18.09
N LEU A 24 -32.96 37.09 18.77
CA LEU A 24 -33.21 35.78 18.18
C LEU A 24 -34.44 35.80 17.22
N ILE A 25 -35.64 36.22 17.73
CA ILE A 25 -36.87 36.25 16.94
C ILE A 25 -36.77 37.10 15.70
N GLN A 26 -36.00 38.20 15.82
CA GLN A 26 -35.66 39.14 14.76
C GLN A 26 -34.67 38.56 13.73
N GLY A 27 -34.03 37.42 14.04
CA GLY A 27 -33.07 36.75 13.16
C GLY A 27 -31.57 37.03 13.35
N GLN A 28 -31.15 37.75 14.43
CA GLN A 28 -29.70 38.00 14.67
C GLN A 28 -28.92 36.70 15.02
N ARG A 29 -27.99 36.27 14.12
CA ARG A 29 -27.16 35.03 14.21
C ARG A 29 -26.40 34.85 15.55
N ALA A 30 -25.91 35.96 16.12
CA ALA A 30 -25.15 35.94 17.38
C ALA A 30 -26.05 35.62 18.59
N CYS A 31 -27.30 36.13 18.58
CA CYS A 31 -28.30 35.94 19.63
C CYS A 31 -28.80 34.49 19.62
N LEU A 32 -28.92 33.85 18.43
CA LEU A 32 -29.25 32.44 18.33
C LEU A 32 -28.07 31.59 18.87
N ALA A 33 -26.82 31.95 18.47
CA ALA A 33 -25.60 31.30 18.93
C ALA A 33 -25.48 31.35 20.48
N GLU A 34 -25.71 32.53 21.09
CA GLU A 34 -25.68 32.70 22.54
C GLU A 34 -26.80 31.88 23.20
N ALA A 35 -27.99 31.82 22.60
CA ALA A 35 -29.13 31.03 23.11
C ALA A 35 -28.82 29.53 23.12
N ILE A 36 -28.15 29.03 22.10
CA ILE A 36 -27.80 27.63 22.09
C ILE A 36 -26.79 27.34 23.16
N THR A 37 -25.80 28.24 23.34
CA THR A 37 -24.79 28.11 24.39
C THR A 37 -25.45 28.09 25.79
N LEU A 38 -26.45 28.97 26.02
CA LEU A 38 -27.19 29.11 27.25
C LEU A 38 -27.90 27.82 27.64
N VAL A 39 -28.56 27.24 26.67
CA VAL A 39 -29.37 26.02 26.71
C VAL A 39 -28.50 24.77 26.96
N GLU A 40 -27.23 24.83 26.51
CA GLU A 40 -26.23 23.78 26.64
C GLU A 40 -25.52 23.80 27.99
N SER A 41 -25.61 24.92 28.74
CA SER A 41 -25.00 25.09 30.07
C SER A 41 -25.56 24.14 31.16
N THR A 42 -24.65 23.67 32.02
CA THR A 42 -24.96 22.78 33.15
C THR A 42 -25.10 23.53 34.50
N HIS A 43 -24.75 24.84 34.57
CA HIS A 43 -24.87 25.62 35.81
C HIS A 43 -26.29 25.98 36.12
N SER A 44 -26.67 25.84 37.39
CA SER A 44 -28.02 26.03 37.93
C SER A 44 -28.72 27.34 37.53
N ARG A 45 -28.00 28.50 37.64
CA ARG A 45 -28.58 29.80 37.29
C ARG A 45 -28.79 29.89 35.77
N LYS A 46 -27.83 29.35 34.99
CA LYS A 46 -27.91 29.35 33.54
C LYS A 46 -29.05 28.50 33.03
N LYS A 47 -29.34 27.36 33.73
CA LYS A 47 -30.48 26.47 33.45
C LYS A 47 -31.81 27.16 33.72
N GLU A 48 -31.88 28.02 34.75
CA GLU A 48 -33.09 28.78 35.12
C GLU A 48 -33.43 29.83 34.02
N LEU A 49 -32.39 30.46 33.43
CA LEU A 49 -32.47 31.43 32.33
C LEU A 49 -32.85 30.75 31.00
N ALA A 50 -32.24 29.60 30.69
CA ALA A 50 -32.52 28.78 29.54
C ALA A 50 -33.98 28.36 29.55
N GLN A 51 -34.52 27.93 30.72
CA GLN A 51 -35.92 27.50 30.83
C GLN A 51 -36.88 28.63 30.53
N VAL A 52 -36.66 29.80 31.12
CA VAL A 52 -37.47 30.99 30.84
C VAL A 52 -37.44 31.30 29.36
N LEU A 53 -36.23 31.39 28.76
CA LEU A 53 -36.07 31.67 27.33
C LEU A 53 -36.83 30.69 26.44
N LEU A 54 -36.65 29.38 26.68
CA LEU A 54 -37.33 28.29 25.99
C LEU A 54 -38.84 28.37 26.09
N GLN A 55 -39.37 28.72 27.26
CA GLN A 55 -40.81 28.92 27.43
C GLN A 55 -41.31 30.12 26.59
N LYS A 56 -40.54 31.23 26.54
CA LYS A 56 -40.94 32.37 25.71
C LYS A 56 -40.97 31.94 24.21
N VAL A 57 -39.92 31.21 23.74
CA VAL A 57 -39.83 30.72 22.37
C VAL A 57 -40.93 29.65 22.06
N LEU A 58 -41.34 28.81 23.05
CA LEU A 58 -42.41 27.85 22.87
C LEU A 58 -43.72 28.53 22.58
N LEU A 59 -44.02 29.65 23.30
CA LEU A 59 -45.24 30.41 23.14
C LEU A 59 -45.27 31.11 21.79
N TYR A 60 -44.11 31.65 21.37
CA TYR A 60 -43.99 32.38 20.11
C TYR A 60 -44.09 31.41 18.95
N HIS A 61 -43.43 30.25 19.07
CA HIS A 61 -43.44 29.16 18.09
C HIS A 61 -44.91 28.76 17.79
N ARG A 62 -45.75 28.66 18.83
CA ARG A 62 -47.15 28.33 18.76
C ARG A 62 -47.91 29.45 18.08
N GLU A 63 -47.56 30.73 18.33
CA GLU A 63 -48.17 31.90 17.65
C GLU A 63 -47.87 31.80 16.15
N GLN A 64 -46.58 31.54 15.80
CA GLN A 64 -46.10 31.40 14.43
C GLN A 64 -46.90 30.34 13.67
N GLU A 65 -47.08 29.14 14.28
CA GLU A 65 -47.81 28.01 13.68
C GLU A 65 -49.30 28.29 13.51
N GLN A 66 -49.90 29.06 14.43
CA GLN A 66 -51.31 29.44 14.37
C GLN A 66 -51.52 30.52 13.31
N SER A 67 -50.53 31.42 13.11
CA SER A 67 -50.57 32.47 12.07
C SER A 67 -50.12 31.93 10.70
N ASN A 68 -49.93 30.59 10.61
CA ASN A 68 -49.56 29.84 9.40
C ASN A 68 -50.61 28.73 9.16
N LYS A 69 -51.81 28.89 9.82
CA LYS A 69 -52.99 28.03 9.78
C LYS A 69 -52.69 26.56 10.19
N GLY A 70 -51.97 26.41 11.29
CA GLY A 70 -51.62 25.12 11.87
C GLY A 70 -50.55 24.31 11.17
N LYS A 71 -50.12 24.77 9.96
CA LYS A 71 -49.10 24.16 9.10
C LYS A 71 -47.66 24.40 9.69
N PRO A 72 -46.77 23.38 9.70
CA PRO A 72 -45.42 23.58 10.24
C PRO A 72 -44.61 24.59 9.44
N LEU A 73 -43.72 25.31 10.15
CA LEU A 73 -42.86 26.36 9.58
C LEU A 73 -41.51 25.91 9.07
N ALA A 74 -41.10 24.71 9.50
CA ALA A 74 -39.82 24.17 9.13
C ALA A 74 -39.90 22.68 8.74
N PHE A 75 -38.95 22.27 7.90
CA PHE A 75 -38.77 20.90 7.51
C PHE A 75 -37.47 20.44 8.27
N ARG A 76 -37.60 19.51 9.24
CA ARG A 76 -36.46 18.96 10.01
C ARG A 76 -36.02 17.72 9.30
N VAL A 77 -34.76 17.70 8.89
CA VAL A 77 -34.16 16.59 8.11
C VAL A 77 -32.97 16.06 8.88
N GLY A 78 -32.98 14.75 9.10
CA GLY A 78 -31.93 14.01 9.75
C GLY A 78 -31.05 13.36 8.70
N LEU A 79 -29.77 13.65 8.77
CA LEU A 79 -28.74 13.14 7.87
C LEU A 79 -27.67 12.31 8.62
N SER A 80 -27.49 11.07 8.21
CA SER A 80 -26.49 10.20 8.83
C SER A 80 -25.76 9.40 7.80
N GLY A 81 -24.61 8.91 8.21
CA GLY A 81 -23.78 8.06 7.39
C GLY A 81 -22.47 7.72 8.06
N PRO A 82 -21.71 6.72 7.53
CA PRO A 82 -20.39 6.40 8.11
C PRO A 82 -19.40 7.57 7.95
N PRO A 83 -18.23 7.59 8.65
CA PRO A 83 -17.25 8.68 8.38
C PRO A 83 -16.70 8.49 6.97
N GLY A 84 -16.59 9.57 6.22
CA GLY A 84 -16.09 9.49 4.85
C GLY A 84 -17.17 9.27 3.78
N ALA A 85 -18.47 9.15 4.18
CA ALA A 85 -19.59 8.98 3.27
C ALA A 85 -19.75 10.16 2.31
N GLY A 86 -19.37 11.36 2.77
CA GLY A 86 -19.47 12.59 2.00
C GLY A 86 -20.40 13.62 2.63
N LYS A 87 -20.88 13.38 3.90
CA LYS A 87 -21.74 14.28 4.67
C LYS A 87 -21.39 15.78 4.57
N SER A 88 -20.17 16.15 5.01
CA SER A 88 -19.68 17.53 5.01
C SER A 88 -19.79 18.10 3.65
N THR A 89 -19.28 17.38 2.62
CA THR A 89 -19.24 17.80 1.22
C THR A 89 -20.66 17.96 0.67
N PHE A 90 -21.57 17.05 1.04
CA PHE A 90 -22.95 17.09 0.64
C PHE A 90 -23.69 18.31 1.28
N ILE A 91 -23.64 18.49 2.61
CA ILE A 91 -24.25 19.65 3.31
C ILE A 91 -23.80 21.01 2.66
N GLU A 92 -22.49 21.12 2.34
CA GLU A 92 -21.94 22.30 1.71
C GLU A 92 -22.61 22.59 0.36
N TYR A 93 -22.75 21.58 -0.47
CA TYR A 93 -23.37 21.70 -1.79
C TYR A 93 -24.88 21.92 -1.70
N PHE A 94 -25.59 21.05 -0.93
CA PHE A 94 -27.04 21.08 -0.68
C PHE A 94 -27.48 22.36 0.05
N GLY A 95 -26.69 22.84 0.98
CA GLY A 95 -26.93 24.07 1.71
C GLY A 95 -26.83 25.30 0.83
N LYS A 96 -25.86 25.34 -0.09
CA LYS A 96 -25.74 26.45 -1.07
C LYS A 96 -26.89 26.43 -2.04
N MET A 97 -27.32 25.26 -2.45
CA MET A 97 -28.48 25.09 -3.32
C MET A 97 -29.77 25.61 -2.64
N LEU A 98 -29.93 25.37 -1.29
CA LEU A 98 -31.14 25.76 -0.55
C LEU A 98 -31.28 27.26 -0.35
N THR A 99 -30.21 27.91 0.19
CA THR A 99 -30.10 29.34 0.45
C THR A 99 -30.26 30.17 -0.83
N GLU A 100 -29.67 29.70 -1.93
CA GLU A 100 -29.81 30.38 -3.20
C GLU A 100 -31.30 30.46 -3.60
N ARG A 101 -32.08 29.41 -3.36
CA ARG A 101 -33.52 29.28 -3.64
C ARG A 101 -34.44 30.03 -2.63
N GLY A 102 -33.85 30.79 -1.71
CA GLY A 102 -34.59 31.56 -0.71
C GLY A 102 -34.70 30.96 0.68
N HIS A 103 -33.99 29.85 0.96
CA HIS A 103 -34.07 29.20 2.25
C HIS A 103 -33.12 29.73 3.33
N LYS A 104 -33.58 29.64 4.58
CA LYS A 104 -32.77 29.95 5.79
C LYS A 104 -32.56 28.58 6.45
N LEU A 105 -31.32 28.10 6.43
CA LEU A 105 -30.89 26.77 6.86
C LEU A 105 -30.01 26.66 8.13
N SER A 106 -30.36 25.77 9.06
CA SER A 106 -29.54 25.50 10.25
C SER A 106 -28.97 24.11 10.11
N VAL A 107 -27.70 23.96 10.46
CA VAL A 107 -27.00 22.69 10.45
C VAL A 107 -26.51 22.49 11.87
N LEU A 108 -27.01 21.42 12.52
CA LEU A 108 -26.66 21.09 13.91
C LEU A 108 -26.05 19.69 13.93
N ALA A 109 -24.75 19.57 14.19
CA ALA A 109 -24.08 18.25 14.26
C ALA A 109 -24.22 17.70 15.63
N VAL A 110 -24.46 16.43 15.72
CA VAL A 110 -24.59 15.67 16.95
C VAL A 110 -23.64 14.45 16.86
N ASP A 111 -22.46 14.56 17.50
CA ASP A 111 -21.44 13.51 17.46
C ASP A 111 -21.56 12.56 18.66
N PRO A 112 -21.98 11.30 18.44
CA PRO A 112 -22.04 10.32 19.56
C PRO A 112 -20.71 10.19 20.34
N THR A 129 -15.62 26.01 5.84
CA THR A 129 -16.25 25.73 4.56
C THR A 129 -16.85 26.97 3.88
N GLU A 130 -17.39 26.84 2.64
CA GLU A 130 -18.01 27.93 1.87
C GLU A 130 -19.39 28.30 2.44
N LEU A 131 -20.05 27.32 3.14
CA LEU A 131 -21.36 27.43 3.81
C LEU A 131 -21.24 28.27 5.09
N SER A 132 -20.06 28.25 5.73
CA SER A 132 -19.79 29.04 6.91
C SER A 132 -19.72 30.55 6.56
N ARG A 133 -19.46 30.86 5.30
CA ARG A 133 -19.42 32.24 4.81
C ARG A 133 -20.85 32.70 4.44
N ASP A 134 -21.82 31.73 4.27
CA ASP A 134 -23.20 32.01 3.90
C ASP A 134 -24.03 32.65 5.00
N MET A 135 -24.44 33.92 4.77
CA MET A 135 -25.25 34.76 5.68
C MET A 135 -26.65 34.18 5.96
N ASN A 136 -27.17 33.34 5.02
CA ASN A 136 -28.47 32.68 5.15
C ASN A 136 -28.45 31.29 5.85
N ALA A 137 -27.26 30.86 6.27
CA ALA A 137 -27.11 29.59 6.94
C ALA A 137 -26.49 29.78 8.32
N TYR A 138 -26.87 28.89 9.24
CA TYR A 138 -26.29 28.84 10.58
C TYR A 138 -25.71 27.44 10.81
N ILE A 139 -24.39 27.34 11.06
CA ILE A 139 -23.71 26.06 11.31
C ILE A 139 -23.21 26.04 12.73
N ARG A 140 -23.73 25.15 13.55
CA ARG A 140 -23.34 24.97 14.94
C ARG A 140 -22.50 23.68 15.16
N PRO A 141 -21.32 23.85 15.80
CA PRO A 141 -20.47 22.68 16.12
C PRO A 141 -21.06 21.64 17.10
N SER A 142 -20.22 20.62 17.39
CA SER A 142 -20.45 19.49 18.30
C SER A 142 -19.74 19.73 19.66
N THR A 152 -27.76 14.55 22.28
CA THR A 152 -29.12 14.75 21.77
C THR A 152 -29.96 15.41 22.86
N ARG A 153 -29.28 15.68 24.02
CA ARG A 153 -29.93 16.23 25.21
C ARG A 153 -30.64 17.56 24.92
N THR A 154 -29.93 18.45 24.24
CA THR A 154 -30.44 19.78 23.93
C THR A 154 -30.78 19.97 22.46
N THR A 155 -30.79 18.90 21.65
CA THR A 155 -31.07 18.97 20.22
C THR A 155 -32.44 19.51 19.93
N ASN A 156 -33.46 19.05 20.67
CA ASN A 156 -34.81 19.56 20.49
C ASN A 156 -34.95 21.02 20.81
N GLU A 157 -34.25 21.48 21.84
CA GLU A 157 -34.24 22.86 22.33
C GLU A 157 -33.59 23.74 21.28
N ALA A 158 -32.46 23.27 20.64
CA ALA A 158 -31.73 23.93 19.53
C ALA A 158 -32.62 24.02 18.26
N ILE A 159 -33.35 22.93 17.92
CA ILE A 159 -34.31 22.93 16.80
C ILE A 159 -35.34 24.02 17.00
N LEU A 160 -35.91 24.13 18.19
CA LEU A 160 -36.93 25.11 18.54
C LEU A 160 -36.39 26.54 18.47
N LEU A 161 -35.14 26.75 18.96
CA LEU A 161 -34.49 28.06 18.90
C LEU A 161 -34.27 28.51 17.44
N CYS A 162 -33.85 27.59 16.57
CA CYS A 162 -33.71 27.82 15.13
C CYS A 162 -35.03 28.14 14.44
N GLU A 163 -36.09 27.38 14.74
CA GLU A 163 -37.41 27.65 14.16
C GLU A 163 -37.94 29.01 14.66
N GLY A 164 -37.71 29.30 15.93
CA GLY A 164 -38.01 30.60 16.55
C GLY A 164 -37.29 31.75 15.85
N ALA A 165 -36.02 31.51 15.37
CA ALA A 165 -35.16 32.48 14.67
C ALA A 165 -35.52 32.66 13.21
N GLY A 166 -36.49 31.87 12.69
CA GLY A 166 -36.98 31.98 11.34
C GLY A 166 -36.39 31.05 10.29
N TYR A 167 -35.67 30.00 10.72
CA TYR A 167 -35.11 29.04 9.78
C TYR A 167 -36.22 28.06 9.37
N ASP A 168 -36.28 27.75 8.08
CA ASP A 168 -37.29 26.83 7.52
C ASP A 168 -36.76 25.41 7.17
N ILE A 169 -35.42 25.23 7.25
CA ILE A 169 -34.77 23.94 7.01
C ILE A 169 -33.80 23.74 8.13
N ILE A 170 -34.06 22.72 8.94
CA ILE A 170 -33.23 22.32 10.06
C ILE A 170 -32.64 20.98 9.66
N LEU A 171 -31.30 20.95 9.61
CA LEU A 171 -30.56 19.77 9.22
C LEU A 171 -29.76 19.26 10.41
N ILE A 172 -30.05 18.04 10.82
CA ILE A 172 -29.37 17.42 11.94
C ILE A 172 -28.44 16.37 11.38
N GLU A 173 -27.15 16.60 11.52
CA GLU A 173 -26.09 15.72 11.03
C GLU A 173 -25.53 14.82 12.16
N THR A 174 -25.35 13.53 11.86
CA THR A 174 -24.81 12.56 12.78
C THR A 174 -23.91 11.57 12.05
N VAL A 175 -23.20 10.66 12.79
CA VAL A 175 -22.30 9.61 12.27
C VAL A 175 -22.82 8.24 12.71
N GLY A 176 -22.80 7.30 11.78
CA GLY A 176 -23.28 5.93 11.95
C GLY A 176 -23.73 5.32 10.62
N VAL A 177 -23.29 4.08 10.32
CA VAL A 177 -23.70 3.33 9.13
C VAL A 177 -25.20 2.97 9.26
N SER A 180 -26.92 6.81 18.64
CA SER A 180 -27.19 8.26 18.50
C SER A 180 -28.01 8.58 17.23
N GLU A 181 -27.80 7.74 16.16
CA GLU A 181 -28.49 7.78 14.86
C GLU A 181 -30.01 7.51 15.06
N PHE A 182 -30.38 6.62 16.01
CA PHE A 182 -31.78 6.30 16.32
C PHE A 182 -32.47 7.45 17.07
N ALA A 183 -31.75 8.20 17.92
CA ALA A 183 -32.25 9.38 18.64
C ALA A 183 -32.57 10.48 17.64
N VAL A 184 -31.71 10.68 16.62
CA VAL A 184 -31.88 11.65 15.55
C VAL A 184 -33.17 11.36 14.75
N ALA A 185 -33.34 10.11 14.27
CA ALA A 185 -34.52 9.68 13.53
C ALA A 185 -35.83 10.04 14.28
N ASP A 186 -35.77 10.12 15.61
CA ASP A 186 -36.89 10.48 16.49
C ASP A 186 -36.94 11.98 16.85
N MET A 187 -36.21 12.83 16.14
CA MET A 187 -36.25 14.26 16.41
C MET A 187 -36.54 15.06 15.11
N VAL A 188 -36.67 14.30 13.98
CA VAL A 188 -36.79 14.76 12.62
C VAL A 188 -38.03 14.30 11.85
N ASP A 189 -38.35 15.03 10.75
CA ASP A 189 -39.43 14.72 9.83
C ASP A 189 -39.00 13.57 8.85
N MET A 190 -37.83 13.73 8.21
CA MET A 190 -37.32 12.75 7.25
C MET A 190 -35.91 12.35 7.59
N PHE A 191 -35.66 11.05 7.67
CA PHE A 191 -34.35 10.48 7.95
C PHE A 191 -33.69 10.03 6.64
N VAL A 192 -32.51 10.59 6.37
CA VAL A 192 -31.78 10.38 5.14
C VAL A 192 -30.44 9.74 5.47
N LEU A 193 -30.11 8.62 4.79
CA LEU A 193 -28.83 7.91 4.93
C LEU A 193 -27.93 8.12 3.73
N LEU A 194 -26.70 8.55 3.99
CA LEU A 194 -25.67 8.74 2.98
C LEU A 194 -24.70 7.54 3.08
N LEU A 195 -24.78 6.64 2.10
CA LEU A 195 -23.96 5.43 2.07
C LEU A 195 -22.91 5.50 0.97
N PRO A 196 -21.59 5.35 1.28
CA PRO A 196 -20.55 5.47 0.24
C PRO A 196 -20.55 4.33 -0.80
N PRO A 197 -19.90 4.50 -1.97
CA PRO A 197 -19.94 3.43 -2.96
C PRO A 197 -18.90 2.32 -2.71
N ALA A 198 -17.74 2.65 -2.09
CA ALA A 198 -16.67 1.70 -1.85
C ALA A 198 -16.44 1.39 -0.36
N ILE A 211 -30.89 0.99 7.70
CA ILE A 211 -31.69 0.98 6.46
C ILE A 211 -33.17 0.88 6.77
N GLU A 212 -33.49 0.29 7.93
CA GLU A 212 -34.82 0.06 8.47
C GLU A 212 -35.53 1.38 8.86
N MET A 213 -34.76 2.39 9.36
CA MET A 213 -35.31 3.69 9.77
C MET A 213 -35.21 4.82 8.69
N ALA A 214 -34.55 4.53 7.55
CA ALA A 214 -34.26 5.48 6.49
C ALA A 214 -35.43 5.69 5.58
N ASP A 215 -35.81 6.97 5.35
CA ASP A 215 -36.87 7.42 4.47
C ASP A 215 -36.35 7.52 3.04
N LEU A 216 -35.03 7.77 2.92
CA LEU A 216 -34.33 7.90 1.67
C LEU A 216 -32.92 7.47 1.92
N VAL A 217 -32.35 6.74 0.96
CA VAL A 217 -30.96 6.30 0.96
C VAL A 217 -30.32 6.91 -0.29
N ALA A 218 -29.34 7.74 -0.13
CA ALA A 218 -28.63 8.33 -1.28
C ALA A 218 -27.22 7.72 -1.23
N VAL A 219 -26.88 7.03 -2.30
CA VAL A 219 -25.58 6.39 -2.50
C VAL A 219 -24.70 7.52 -3.04
N THR A 220 -23.68 7.88 -2.27
CA THR A 220 -22.77 8.96 -2.55
C THR A 220 -21.66 8.59 -3.54
N LYS A 221 -20.94 9.64 -4.02
CA LYS A 221 -19.79 9.67 -4.90
C LYS A 221 -20.05 8.95 -6.16
N SER A 222 -21.28 9.12 -6.72
CA SER A 222 -21.64 8.47 -7.99
C SER A 222 -21.07 9.26 -9.16
N ASP A 223 -19.74 9.34 -9.14
CA ASP A 223 -18.95 10.07 -10.13
C ASP A 223 -17.69 9.29 -10.50
N GLY A 224 -17.27 9.51 -11.74
CA GLY A 224 -16.05 8.95 -12.31
C GLY A 224 -15.98 7.46 -12.23
N ASP A 225 -14.93 6.91 -11.67
CA ASP A 225 -14.82 5.46 -11.66
C ASP A 225 -15.53 4.72 -10.48
N LEU A 226 -16.36 5.47 -9.74
CA LEU A 226 -17.16 4.97 -8.64
C LEU A 226 -18.64 4.91 -9.04
N ILE A 227 -18.98 5.20 -10.32
CA ILE A 227 -20.36 5.11 -10.83
C ILE A 227 -20.84 3.64 -10.85
N VAL A 228 -19.99 2.72 -11.38
CA VAL A 228 -20.26 1.29 -11.43
C VAL A 228 -20.45 0.72 -10.03
N PRO A 229 -19.49 0.84 -9.07
CA PRO A 229 -19.74 0.35 -7.69
C PRO A 229 -21.00 0.95 -7.04
N ALA A 230 -21.27 2.27 -7.27
CA ALA A 230 -22.45 3.00 -6.77
C ALA A 230 -23.77 2.40 -7.35
N ARG A 231 -23.78 2.08 -8.66
CA ARG A 231 -24.93 1.42 -9.30
C ARG A 231 -25.14 -0.01 -8.68
N ARG A 232 -24.04 -0.73 -8.39
CA ARG A 232 -24.06 -2.04 -7.79
C ARG A 232 -24.56 -2.00 -6.34
N ILE A 233 -24.02 -1.04 -5.52
CA ILE A 233 -24.45 -0.80 -4.11
C ILE A 233 -25.94 -0.40 -4.02
N GLN A 234 -26.40 0.38 -4.97
CA GLN A 234 -27.81 0.78 -5.01
C GLN A 234 -28.75 -0.40 -5.28
N ALA A 235 -28.41 -1.22 -6.26
CA ALA A 235 -29.12 -2.43 -6.61
C ALA A 235 -29.27 -3.30 -5.37
N GLU A 236 -28.20 -3.47 -4.58
CA GLU A 236 -28.17 -4.27 -3.34
C GLU A 236 -29.16 -3.74 -2.28
N TYR A 237 -29.20 -2.43 -2.07
CA TYR A 237 -30.14 -1.78 -1.14
C TYR A 237 -31.57 -1.86 -1.62
N VAL A 238 -31.81 -1.63 -2.92
CA VAL A 238 -33.13 -1.80 -3.50
C VAL A 238 -33.57 -3.27 -3.24
N SER A 239 -32.65 -4.23 -3.46
CA SER A 239 -32.87 -5.65 -3.25
C SER A 239 -33.22 -5.98 -1.81
N ALA A 240 -32.46 -5.42 -0.85
CA ALA A 240 -32.68 -5.59 0.57
C ALA A 240 -34.10 -5.11 1.01
N LEU A 241 -34.51 -3.85 0.64
CA LEU A 241 -35.83 -3.27 0.93
C LEU A 241 -36.97 -4.12 0.36
N LYS A 242 -36.81 -4.69 -0.82
CA LYS A 242 -37.86 -5.50 -1.46
C LYS A 242 -38.26 -6.72 -0.62
N LEU A 243 -37.43 -7.05 0.39
CA LEU A 243 -37.63 -8.19 1.28
C LEU A 243 -38.28 -7.79 2.60
N LEU A 244 -38.03 -6.54 3.07
CA LEU A 244 -38.56 -5.93 4.30
C LEU A 244 -40.09 -5.74 4.26
N ARG A 245 -40.76 -5.84 5.45
CA ARG A 245 -42.19 -5.67 5.65
C ARG A 245 -42.49 -4.22 6.01
N TRP A 251 -45.47 6.01 1.54
CA TRP A 251 -44.03 6.20 1.30
C TRP A 251 -43.22 4.93 1.36
N LYS A 252 -42.55 4.72 0.23
CA LYS A 252 -41.65 3.61 -0.02
C LYS A 252 -40.23 4.21 -0.05
N PRO A 253 -39.34 3.81 0.89
CA PRO A 253 -37.96 4.33 0.88
C PRO A 253 -37.28 4.15 -0.48
N LYS A 254 -36.74 5.26 -1.00
CA LYS A 254 -36.05 5.24 -2.29
C LYS A 254 -34.55 5.17 -2.09
N VAL A 255 -33.86 4.51 -3.02
CA VAL A 255 -32.40 4.40 -3.10
C VAL A 255 -31.98 5.15 -4.37
N ILE A 256 -31.38 6.34 -4.20
CA ILE A 256 -30.92 7.19 -5.32
C ILE A 256 -29.38 7.28 -5.28
N ARG A 257 -28.75 7.74 -6.37
CA ARG A 257 -27.29 7.95 -6.44
C ARG A 257 -26.99 9.45 -6.57
N ILE A 258 -26.06 9.94 -5.81
CA ILE A 258 -25.73 11.37 -5.88
C ILE A 258 -24.24 11.56 -5.98
N SER A 259 -23.81 12.76 -6.30
CA SER A 259 -22.44 13.25 -6.29
C SER A 259 -22.49 14.77 -5.99
N ALA A 260 -21.85 15.18 -4.87
CA ALA A 260 -21.71 16.60 -4.49
C ALA A 260 -20.56 17.24 -5.32
N ARG A 261 -19.69 16.36 -5.87
CA ARG A 261 -18.56 16.77 -6.67
C ARG A 261 -19.06 17.21 -8.04
N SER A 262 -19.93 16.41 -8.70
CA SER A 262 -20.51 16.81 -9.98
C SER A 262 -21.86 17.52 -9.86
N GLY A 263 -22.57 17.35 -8.76
CA GLY A 263 -23.93 17.89 -8.61
C GLY A 263 -25.03 16.91 -9.01
N GLU A 264 -24.65 15.80 -9.64
CA GLU A 264 -25.56 14.76 -10.08
C GLU A 264 -26.47 14.13 -8.98
N GLY A 265 -27.76 14.08 -9.30
CA GLY A 265 -28.85 13.57 -8.47
C GLY A 265 -29.29 14.44 -7.32
N ILE A 266 -28.54 15.53 -7.05
CA ILE A 266 -28.82 16.42 -5.93
C ILE A 266 -30.16 17.16 -6.03
N SER A 267 -30.52 17.65 -7.23
CA SER A 267 -31.80 18.30 -7.46
C SER A 267 -32.94 17.29 -7.38
N GLU A 268 -32.74 16.11 -7.92
CA GLU A 268 -33.71 15.02 -7.91
C GLU A 268 -33.94 14.49 -6.49
N MET A 269 -32.90 14.58 -5.63
CA MET A 269 -32.96 14.21 -4.21
C MET A 269 -33.87 15.21 -3.48
N TRP A 270 -33.58 16.50 -3.61
CA TRP A 270 -34.38 17.55 -3.04
C TRP A 270 -35.88 17.44 -3.47
N ASP A 271 -36.15 17.00 -4.73
CA ASP A 271 -37.52 16.83 -5.20
C ASP A 271 -38.20 15.64 -4.53
N LYS A 272 -37.50 14.49 -4.38
CA LYS A 272 -38.09 13.37 -3.65
C LYS A 272 -38.32 13.75 -2.13
N MET A 273 -37.47 14.68 -1.58
CA MET A 273 -37.58 15.17 -0.21
C MET A 273 -38.85 15.99 -0.05
N LYS A 274 -39.08 16.93 -1.00
CA LYS A 274 -40.30 17.74 -1.09
C LYS A 274 -41.54 16.87 -1.34
N ASP A 275 -41.42 15.71 -2.06
CA ASP A 275 -42.55 14.77 -2.22
C ASP A 275 -42.90 14.06 -0.92
N PHE A 276 -41.85 13.62 -0.16
CA PHE A 276 -42.00 12.95 1.12
C PHE A 276 -42.74 13.95 2.02
N GLN A 277 -42.25 15.20 2.08
CA GLN A 277 -42.86 16.28 2.86
C GLN A 277 -44.36 16.42 2.56
N ASP A 278 -44.72 16.55 1.27
CA ASP A 278 -46.10 16.69 0.77
C ASP A 278 -46.99 15.51 1.15
N LEU A 279 -46.53 14.27 0.97
CA LEU A 279 -47.23 13.05 1.38
C LEU A 279 -47.51 12.98 2.88
N MET A 280 -46.49 13.24 3.71
CA MET A 280 -46.55 13.24 5.16
C MET A 280 -47.49 14.31 5.69
N LEU A 281 -47.54 15.49 5.04
CA LEU A 281 -48.49 16.52 5.46
C LEU A 281 -49.95 16.07 5.10
N ALA A 282 -50.22 15.80 3.80
CA ALA A 282 -51.51 15.33 3.27
C ALA A 282 -52.09 14.13 4.06
N SER A 283 -51.26 13.09 4.32
CA SER A 283 -51.70 11.89 5.04
C SER A 283 -51.94 12.07 6.53
N GLY A 284 -51.39 13.16 7.10
CA GLY A 284 -51.47 13.50 8.52
C GLY A 284 -50.42 12.79 9.33
N GLU A 285 -49.53 12.02 8.65
CA GLU A 285 -48.43 11.25 9.28
C GLU A 285 -47.33 12.12 9.89
N LEU A 286 -47.10 13.34 9.34
CA LEU A 286 -46.10 14.28 9.84
C LEU A 286 -46.48 14.80 11.25
N THR A 287 -47.73 15.24 11.41
CA THR A 287 -48.22 15.71 12.70
C THR A 287 -48.32 14.58 13.73
N ALA A 288 -48.72 13.39 13.32
CA ALA A 288 -48.78 12.21 14.19
C ALA A 288 -47.39 11.89 14.73
N LYS A 289 -46.38 11.93 13.84
CA LYS A 289 -44.99 11.67 14.17
C LYS A 289 -44.48 12.75 15.10
N ARG A 290 -44.71 14.05 14.82
CA ARG A 290 -44.26 15.15 15.69
C ARG A 290 -44.91 15.05 17.04
N ARG A 291 -46.25 14.77 17.10
CA ARG A 291 -46.99 14.54 18.35
C ARG A 291 -46.38 13.45 19.18
N LYS A 292 -46.01 12.31 18.57
CA LYS A 292 -45.38 11.18 19.26
C LYS A 292 -44.04 11.58 19.86
N GLN A 293 -43.20 12.28 19.05
CA GLN A 293 -41.87 12.80 19.38
C GLN A 293 -41.96 13.81 20.54
N GLN A 294 -42.99 14.69 20.49
CA GLN A 294 -43.24 15.74 21.46
C GLN A 294 -43.60 15.13 22.82
N LYS A 295 -44.41 14.04 22.82
CA LYS A 295 -44.81 13.33 24.04
C LYS A 295 -43.57 12.78 24.68
N VAL A 296 -42.69 12.18 23.90
CA VAL A 296 -41.44 11.61 24.46
C VAL A 296 -40.56 12.68 25.10
N TRP A 297 -40.42 13.84 24.42
CA TRP A 297 -39.63 14.97 24.85
C TRP A 297 -40.20 15.62 26.11
N MET A 298 -41.51 15.91 26.11
CA MET A 298 -42.19 16.54 27.25
C MET A 298 -42.14 15.67 28.48
N TRP A 299 -42.32 14.35 28.31
CA TRP A 299 -42.22 13.42 29.42
C TRP A 299 -40.82 13.38 30.04
N ASN A 300 -39.78 13.40 29.22
CA ASN A 300 -38.42 13.41 29.74
C ASN A 300 -38.12 14.69 30.52
N LEU A 301 -38.67 15.85 30.08
CA LEU A 301 -38.46 17.11 30.79
C LEU A 301 -39.15 17.04 32.15
N ILE A 302 -40.42 16.53 32.18
CA ILE A 302 -41.22 16.38 33.39
C ILE A 302 -40.61 15.38 34.35
N GLN A 303 -40.21 14.16 33.87
CA GLN A 303 -39.58 13.21 34.79
C GLN A 303 -38.27 13.67 35.38
N GLU A 304 -37.49 14.46 34.64
CA GLU A 304 -36.23 15.02 35.15
C GLU A 304 -36.50 15.97 36.32
N SER A 305 -37.59 16.74 36.23
CA SER A 305 -38.01 17.72 37.22
C SER A 305 -38.61 17.00 38.39
N VAL A 306 -39.37 15.90 38.14
CA VAL A 306 -39.94 15.08 39.20
C VAL A 306 -38.79 14.53 40.06
N LEU A 307 -37.76 13.95 39.43
CA LEU A 307 -36.58 13.45 40.16
C LEU A 307 -35.72 14.48 40.88
N GLU A 308 -35.50 15.74 40.32
CA GLU A 308 -34.70 16.71 41.05
C GLU A 308 -35.48 17.09 42.32
N HIS A 309 -36.78 17.39 42.16
CA HIS A 309 -37.67 17.81 43.24
C HIS A 309 -37.76 16.74 44.28
N PHE A 310 -37.88 15.46 43.86
CA PHE A 310 -37.96 14.32 44.77
C PHE A 310 -36.66 14.15 45.55
N ARG A 311 -35.54 13.92 44.86
CA ARG A 311 -34.23 13.67 45.46
C ARG A 311 -33.69 14.79 46.33
N THR A 312 -34.23 15.99 46.24
CA THR A 312 -33.81 17.16 47.05
C THR A 312 -34.74 17.42 48.23
N HIS A 313 -35.92 16.74 48.24
CA HIS A 313 -36.85 16.85 49.34
C HIS A 313 -36.17 16.39 50.66
N PRO A 314 -36.19 17.20 51.75
CA PRO A 314 -35.45 16.85 52.97
C PRO A 314 -35.66 15.46 53.60
N THR A 315 -36.91 14.97 53.62
CA THR A 315 -37.24 13.64 54.17
C THR A 315 -36.63 12.55 53.28
N VAL A 316 -36.57 12.84 51.96
CA VAL A 316 -35.97 11.97 50.95
C VAL A 316 -34.44 12.01 51.06
N ARG A 317 -33.80 13.22 51.06
CA ARG A 317 -32.36 13.42 51.12
C ARG A 317 -31.73 12.68 52.24
N GLU A 318 -32.29 12.88 53.42
CA GLU A 318 -31.85 12.31 54.68
C GLU A 318 -31.76 10.75 54.63
N GLN A 319 -32.74 10.11 53.99
CA GLN A 319 -32.83 8.65 53.92
C GLN A 319 -32.00 7.95 52.83
N ILE A 320 -31.72 8.62 51.71
CA ILE A 320 -30.98 8.11 50.57
C ILE A 320 -29.67 7.35 50.88
N PRO A 321 -28.71 7.90 51.67
CA PRO A 321 -27.49 7.15 51.98
C PRO A 321 -27.75 5.77 52.60
N LEU A 322 -28.56 5.73 53.67
CA LEU A 322 -28.92 4.52 54.36
C LEU A 322 -29.58 3.48 53.44
N LEU A 323 -30.42 3.92 52.51
CA LEU A 323 -31.12 2.96 51.66
C LEU A 323 -30.28 2.37 50.57
N GLU A 324 -29.36 3.17 50.02
CA GLU A 324 -28.44 2.68 49.01
C GLU A 324 -27.60 1.57 49.67
N GLN A 325 -27.23 1.74 50.95
CA GLN A 325 -26.47 0.74 51.67
C GLN A 325 -27.30 -0.56 51.78
N LYS A 326 -28.56 -0.46 52.29
CA LYS A 326 -29.49 -1.57 52.49
C LYS A 326 -29.74 -2.35 51.21
N VAL A 327 -29.85 -1.69 50.04
CA VAL A 327 -30.06 -2.34 48.76
C VAL A 327 -28.82 -3.21 48.39
N LEU A 328 -27.62 -2.62 48.42
CA LEU A 328 -26.34 -3.21 48.07
C LEU A 328 -25.92 -4.40 48.98
N ILE A 329 -26.25 -4.33 50.26
CA ILE A 329 -25.99 -5.32 51.29
C ILE A 329 -26.98 -6.50 51.10
N GLY A 330 -27.97 -6.32 50.22
CA GLY A 330 -29.03 -7.26 49.90
C GLY A 330 -30.12 -7.33 50.95
N ALA A 331 -30.22 -6.35 51.85
CA ALA A 331 -31.25 -6.27 52.89
C ALA A 331 -32.59 -5.72 52.37
N LEU A 332 -32.58 -5.14 51.16
CA LEU A 332 -33.75 -4.51 50.57
C LEU A 332 -33.66 -4.47 49.03
N SER A 333 -34.78 -4.59 48.39
CA SER A 333 -34.89 -4.54 46.95
C SER A 333 -35.09 -3.09 46.49
N PRO A 334 -34.72 -2.74 45.23
CA PRO A 334 -34.95 -1.34 44.78
C PRO A 334 -36.42 -0.87 44.85
N GLY A 335 -37.38 -1.79 44.58
CA GLY A 335 -38.83 -1.57 44.64
C GLY A 335 -39.31 -1.24 46.04
N LEU A 336 -38.86 -1.96 47.02
CA LEU A 336 -39.20 -1.69 48.40
C LEU A 336 -38.55 -0.42 48.93
N ALA A 337 -37.26 -0.18 48.54
CA ALA A 337 -36.53 1.06 48.84
C ALA A 337 -37.33 2.26 48.26
N ALA A 338 -37.81 2.10 46.97
CA ALA A 338 -38.60 3.13 46.30
C ALA A 338 -39.92 3.39 47.03
N ASP A 339 -40.65 2.31 47.45
CA ASP A 339 -41.90 2.44 48.20
C ASP A 339 -41.72 3.18 49.48
N PHE A 340 -40.67 2.83 50.21
CA PHE A 340 -40.33 3.50 51.43
C PHE A 340 -40.13 5.00 51.19
N LEU A 341 -39.27 5.39 50.24
CA LEU A 341 -38.99 6.78 49.89
C LEU A 341 -40.22 7.57 49.51
N LEU A 342 -41.08 6.95 48.66
CA LEU A 342 -42.36 7.56 48.25
C LEU A 342 -43.28 7.83 49.46
N LYS A 343 -43.36 6.89 50.42
CA LYS A 343 -44.13 7.08 51.66
C LYS A 343 -43.53 8.22 52.51
N ALA A 344 -42.20 8.23 52.68
CA ALA A 344 -41.45 9.27 53.38
C ALA A 344 -41.72 10.68 52.78
N PHE A 345 -41.71 10.81 51.44
CA PHE A 345 -42.00 12.05 50.73
C PHE A 345 -43.46 12.51 51.04
N LYS A 346 -44.44 11.59 50.92
CA LYS A 346 -45.88 11.79 51.18
C LYS A 346 -46.14 12.25 52.64
N SER A 347 -45.51 11.55 53.63
CA SER A 347 -45.61 11.82 55.06
C SER A 347 -44.47 12.71 55.57
N GLY B 8 -44.98 -11.57 45.62
CA GLY B 8 -43.97 -12.63 45.58
C GLY B 8 -43.89 -13.43 44.30
N LEU B 9 -43.16 -14.58 44.32
CA LEU B 9 -42.98 -15.48 43.18
C LEU B 9 -43.75 -16.77 43.37
N SER B 10 -44.17 -17.39 42.24
CA SER B 10 -44.83 -18.70 42.17
C SER B 10 -43.78 -19.72 42.58
N ASP B 11 -44.15 -20.79 43.28
CA ASP B 11 -43.19 -21.82 43.71
C ASP B 11 -42.31 -22.37 42.56
N LYS B 12 -42.87 -22.50 41.32
CA LYS B 12 -42.14 -22.99 40.13
C LYS B 12 -41.08 -21.98 39.65
N GLU B 13 -41.36 -20.66 39.84
CA GLU B 13 -40.45 -19.55 39.52
C GLU B 13 -39.34 -19.52 40.59
N GLN B 14 -39.73 -19.72 41.88
CA GLN B 14 -38.81 -19.74 43.03
C GLN B 14 -37.89 -20.96 43.00
N ARG B 15 -38.34 -22.10 42.42
CA ARG B 15 -37.51 -23.30 42.27
C ARG B 15 -36.53 -23.07 41.11
N PHE B 16 -36.93 -22.22 40.11
CA PHE B 16 -36.12 -21.87 38.94
C PHE B 16 -34.94 -20.99 39.34
N VAL B 17 -35.22 -19.88 40.06
CA VAL B 17 -34.21 -18.95 40.57
C VAL B 17 -33.21 -19.70 41.45
N ASP B 18 -33.68 -20.54 42.40
CA ASP B 18 -32.82 -21.34 43.29
C ASP B 18 -31.89 -22.27 42.54
N LYS B 19 -32.38 -22.92 41.46
CA LYS B 19 -31.57 -23.82 40.63
C LYS B 19 -30.47 -23.03 39.89
N LEU B 20 -30.87 -21.87 39.33
CA LEU B 20 -30.01 -20.94 38.60
C LEU B 20 -28.92 -20.37 39.50
N TYR B 21 -29.30 -19.99 40.75
CA TYR B 21 -28.46 -19.46 41.81
C TYR B 21 -27.36 -20.45 42.23
N THR B 22 -27.78 -21.70 42.56
CA THR B 22 -26.88 -22.78 42.99
C THR B 22 -25.85 -23.10 41.91
N GLY B 23 -26.34 -23.22 40.68
CA GLY B 23 -25.57 -23.50 39.48
C GLY B 23 -24.56 -22.43 39.11
N LEU B 24 -24.86 -21.15 39.49
CA LEU B 24 -23.96 -20.01 39.25
C LEU B 24 -22.83 -19.96 40.33
N ILE B 25 -23.21 -19.93 41.65
CA ILE B 25 -22.28 -19.92 42.78
C ILE B 25 -21.27 -21.09 42.69
N GLN B 26 -21.72 -22.27 42.17
CA GLN B 26 -20.91 -23.49 41.97
C GLN B 26 -19.96 -23.37 40.76
N GLY B 27 -20.13 -22.38 39.89
CA GLY B 27 -19.25 -22.20 38.75
C GLY B 27 -19.70 -22.69 37.38
N GLN B 28 -20.90 -23.34 37.23
CA GLN B 28 -21.40 -23.85 35.92
C GLN B 28 -21.61 -22.72 34.87
N ARG B 29 -20.78 -22.72 33.78
CA ARG B 29 -20.78 -21.75 32.66
C ARG B 29 -22.17 -21.45 32.06
N ALA B 30 -23.03 -22.49 31.93
CA ALA B 30 -24.38 -22.38 31.38
C ALA B 30 -25.35 -21.59 32.27
N CYS B 31 -25.24 -21.80 33.60
CA CYS B 31 -26.07 -21.16 34.62
C CYS B 31 -25.71 -19.68 34.72
N LEU B 32 -24.41 -19.31 34.56
CA LEU B 32 -23.97 -17.92 34.53
C LEU B 32 -24.51 -17.27 33.28
N ALA B 33 -24.40 -17.96 32.14
CA ALA B 33 -24.90 -17.50 30.85
C ALA B 33 -26.43 -17.22 30.89
N GLU B 34 -27.21 -18.15 31.47
CA GLU B 34 -28.67 -18.02 31.58
C GLU B 34 -29.03 -16.87 32.50
N ALA B 35 -28.31 -16.72 33.62
CA ALA B 35 -28.56 -15.64 34.57
C ALA B 35 -28.38 -14.31 33.86
N ILE B 36 -27.24 -14.14 33.13
CA ILE B 36 -26.98 -12.87 32.44
C ILE B 36 -28.12 -12.56 31.45
N THR B 37 -28.58 -13.59 30.69
CA THR B 37 -29.69 -13.42 29.76
C THR B 37 -30.98 -12.98 30.50
N LEU B 38 -31.26 -13.56 31.69
CA LEU B 38 -32.41 -13.24 32.55
C LEU B 38 -32.41 -11.80 33.00
N VAL B 39 -31.23 -11.34 33.43
CA VAL B 39 -30.91 -9.99 33.94
C VAL B 39 -31.01 -8.93 32.83
N GLU B 40 -30.76 -9.35 31.57
CA GLU B 40 -30.82 -8.52 30.35
C GLU B 40 -32.22 -8.38 29.78
N SER B 41 -33.17 -9.25 30.19
CA SER B 41 -34.56 -9.27 29.73
C SER B 41 -35.35 -8.01 30.09
N THR B 42 -36.23 -7.59 29.16
CA THR B 42 -37.09 -6.43 29.34
C THR B 42 -38.53 -6.79 29.79
N HIS B 43 -38.90 -8.09 29.82
CA HIS B 43 -40.23 -8.51 30.26
C HIS B 43 -40.40 -8.42 31.76
N SER B 44 -41.54 -7.85 32.21
CA SER B 44 -41.85 -7.58 33.63
C SER B 44 -41.67 -8.77 34.59
N ARG B 45 -42.17 -9.99 34.22
CA ARG B 45 -42.03 -11.17 35.06
C ARG B 45 -40.56 -11.60 35.13
N LYS B 46 -39.83 -11.52 34.01
CA LYS B 46 -38.39 -11.84 33.94
C LYS B 46 -37.53 -10.89 34.75
N LYS B 47 -37.90 -9.59 34.80
CA LYS B 47 -37.26 -8.55 35.64
C LYS B 47 -37.49 -8.85 37.16
N GLU B 48 -38.67 -9.40 37.53
CA GLU B 48 -38.99 -9.78 38.91
C GLU B 48 -38.14 -10.96 39.35
N LEU B 49 -37.82 -11.89 38.41
CA LEU B 49 -37.01 -13.08 38.64
C LEU B 49 -35.56 -12.67 38.82
N ALA B 50 -35.07 -11.80 37.90
CA ALA B 50 -33.73 -11.22 37.87
C ALA B 50 -33.43 -10.50 39.18
N GLN B 51 -34.38 -9.68 39.68
CA GLN B 51 -34.21 -8.96 40.93
C GLN B 51 -34.03 -9.91 42.12
N VAL B 52 -34.87 -10.95 42.22
CA VAL B 52 -34.76 -11.92 43.30
C VAL B 52 -33.39 -12.57 43.23
N LEU B 53 -32.99 -13.07 42.04
CA LEU B 53 -31.68 -13.69 41.82
C LEU B 53 -30.52 -12.78 42.22
N LEU B 54 -30.53 -11.52 41.74
CA LEU B 54 -29.53 -10.50 42.06
C LEU B 54 -29.41 -10.19 43.54
N GLN B 55 -30.53 -10.17 44.26
CA GLN B 55 -30.52 -9.99 45.70
C GLN B 55 -29.86 -11.16 46.41
N LYS B 56 -30.15 -12.40 45.95
CA LYS B 56 -29.49 -13.60 46.50
C LYS B 56 -27.95 -13.52 46.25
N VAL B 57 -27.52 -13.12 45.04
CA VAL B 57 -26.10 -12.99 44.71
C VAL B 57 -25.42 -11.85 45.49
N LEU B 58 -26.18 -10.74 45.77
CA LEU B 58 -25.65 -9.62 46.56
C LEU B 58 -25.32 -10.05 47.98
N LEU B 59 -26.17 -10.88 48.58
CA LEU B 59 -25.97 -11.41 49.94
C LEU B 59 -24.80 -12.37 49.99
N TYR B 60 -24.67 -13.23 48.97
CA TYR B 60 -23.58 -14.20 48.87
C TYR B 60 -22.25 -13.50 48.62
N HIS B 61 -22.27 -12.49 47.72
CA HIS B 61 -21.11 -11.69 47.35
C HIS B 61 -20.50 -11.07 48.62
N ARG B 62 -21.39 -10.58 49.52
CA ARG B 62 -21.01 -9.98 50.79
C ARG B 62 -20.39 -11.02 51.71
N GLU B 63 -20.95 -12.27 51.74
CA GLU B 63 -20.40 -13.38 52.52
C GLU B 63 -18.97 -13.72 52.02
N GLN B 64 -18.80 -13.82 50.68
CA GLN B 64 -17.52 -14.08 50.00
C GLN B 64 -16.45 -13.04 50.40
N GLU B 65 -16.79 -11.74 50.35
CA GLU B 65 -15.88 -10.64 50.71
C GLU B 65 -15.49 -10.64 52.18
N GLN B 66 -16.41 -11.07 53.06
CA GLN B 66 -16.15 -11.18 54.50
C GLN B 66 -15.27 -12.38 54.82
N SER B 67 -15.40 -13.48 54.05
CA SER B 67 -14.56 -14.68 54.18
C SER B 67 -13.22 -14.52 53.41
N ASN B 68 -12.95 -13.29 52.91
CA ASN B 68 -11.73 -12.88 52.21
C ASN B 68 -11.12 -11.65 52.94
N LYS B 69 -11.55 -11.45 54.21
CA LYS B 69 -11.15 -10.39 55.12
C LYS B 69 -11.38 -8.96 54.56
N GLY B 70 -12.56 -8.74 53.98
CA GLY B 70 -12.97 -7.45 53.41
C GLY B 70 -12.32 -7.04 52.09
N LYS B 71 -11.30 -7.81 51.64
CA LYS B 71 -10.53 -7.61 50.41
C LYS B 71 -11.36 -8.03 49.15
N PRO B 72 -11.31 -7.28 48.01
CA PRO B 72 -12.07 -7.65 46.82
C PRO B 72 -11.61 -8.97 46.23
N LEU B 73 -12.53 -9.71 45.61
CA LEU B 73 -12.29 -11.06 45.05
C LEU B 73 -11.85 -11.10 43.61
N ALA B 74 -12.14 -10.03 42.87
CA ALA B 74 -11.80 -9.86 41.49
C ALA B 74 -11.30 -8.47 41.27
N PHE B 75 -10.53 -8.33 40.18
CA PHE B 75 -9.96 -7.11 39.62
C PHE B 75 -10.85 -6.74 38.41
N ARG B 76 -11.42 -5.54 38.45
CA ARG B 76 -12.32 -5.06 37.37
C ARG B 76 -11.62 -4.11 36.40
N VAL B 77 -11.39 -4.56 35.16
CA VAL B 77 -10.64 -3.77 34.17
C VAL B 77 -11.54 -3.31 33.00
N GLY B 78 -11.44 -2.02 32.66
CA GLY B 78 -12.13 -1.39 31.56
C GLY B 78 -11.15 -1.17 30.44
N LEU B 79 -11.49 -1.70 29.27
CA LEU B 79 -10.70 -1.61 28.05
C LEU B 79 -11.52 -0.92 26.91
N SER B 80 -10.95 0.16 26.34
CA SER B 80 -11.58 0.88 25.26
C SER B 80 -10.59 1.37 24.22
N GLY B 81 -11.12 1.69 23.05
CA GLY B 81 -10.35 2.22 21.94
C GLY B 81 -11.16 2.33 20.67
N PRO B 82 -10.61 3.00 19.64
CA PRO B 82 -11.33 3.09 18.35
C PRO B 82 -11.45 1.72 17.64
N PRO B 83 -12.34 1.54 16.63
CA PRO B 83 -12.35 0.25 15.89
C PRO B 83 -11.02 0.12 15.11
N GLY B 84 -10.43 -1.07 15.14
CA GLY B 84 -9.15 -1.32 14.50
C GLY B 84 -7.92 -1.02 15.35
N ALA B 85 -8.09 -0.55 16.61
CA ALA B 85 -7.00 -0.25 17.54
C ALA B 85 -6.18 -1.51 17.86
N GLY B 86 -6.88 -2.66 17.91
CA GLY B 86 -6.30 -3.99 18.17
C GLY B 86 -6.93 -4.72 19.34
N LYS B 87 -8.06 -4.19 19.87
CA LYS B 87 -8.82 -4.69 21.03
C LYS B 87 -8.98 -6.20 21.13
N SER B 88 -9.65 -6.79 20.12
CA SER B 88 -9.93 -8.21 19.95
C SER B 88 -8.63 -9.05 19.98
N THR B 89 -7.61 -8.61 19.20
CA THR B 89 -6.29 -9.25 19.08
C THR B 89 -5.59 -9.24 20.44
N PHE B 90 -5.74 -8.12 21.19
CA PHE B 90 -5.11 -7.93 22.48
C PHE B 90 -5.75 -8.82 23.51
N ILE B 91 -7.08 -8.78 23.60
CA ILE B 91 -7.86 -9.58 24.56
C ILE B 91 -7.49 -11.07 24.40
N GLU B 92 -7.40 -11.56 23.15
CA GLU B 92 -7.06 -12.95 22.86
C GLU B 92 -5.69 -13.34 23.42
N TYR B 93 -4.65 -12.51 23.18
CA TYR B 93 -3.28 -12.74 23.66
C TYR B 93 -3.20 -12.64 25.18
N PHE B 94 -3.68 -11.50 25.74
CA PHE B 94 -3.76 -11.15 27.14
C PHE B 94 -4.63 -12.12 27.96
N GLY B 95 -5.76 -12.55 27.43
CA GLY B 95 -6.64 -13.49 28.10
C GLY B 95 -6.05 -14.88 28.23
N LYS B 96 -5.33 -15.34 27.20
CA LYS B 96 -4.70 -16.65 27.25
C LYS B 96 -3.53 -16.62 28.19
N MET B 97 -2.80 -15.49 28.25
CA MET B 97 -1.73 -15.25 29.21
C MET B 97 -2.25 -15.33 30.67
N LEU B 98 -3.47 -14.78 31.00
CA LEU B 98 -4.07 -14.82 32.36
C LEU B 98 -4.69 -16.18 32.81
N THR B 99 -5.33 -16.92 31.87
CA THR B 99 -5.97 -18.21 32.21
C THR B 99 -4.91 -19.26 32.53
N GLU B 100 -3.79 -19.19 31.79
CA GLU B 100 -2.61 -20.00 31.87
C GLU B 100 -1.95 -19.79 33.24
N ARG B 101 -1.87 -18.53 33.71
CA ARG B 101 -1.33 -18.17 35.03
C ARG B 101 -2.30 -18.52 36.20
N GLY B 102 -3.36 -19.30 35.91
CA GLY B 102 -4.31 -19.77 36.91
C GLY B 102 -5.58 -18.95 37.18
N HIS B 103 -5.79 -17.85 36.44
CA HIS B 103 -6.95 -16.99 36.63
C HIS B 103 -8.20 -17.49 35.89
N LYS B 104 -9.41 -17.17 36.46
CA LYS B 104 -10.76 -17.44 35.91
C LYS B 104 -11.23 -16.03 35.46
N LEU B 105 -11.27 -15.82 34.12
CA LEU B 105 -11.55 -14.53 33.46
C LEU B 105 -12.92 -14.44 32.80
N SER B 106 -13.57 -13.28 32.99
CA SER B 106 -14.81 -12.89 32.34
C SER B 106 -14.50 -11.75 31.38
N VAL B 107 -15.04 -11.83 30.16
CA VAL B 107 -14.91 -10.78 29.12
C VAL B 107 -16.34 -10.44 28.73
N LEU B 108 -16.75 -9.17 29.02
CA LEU B 108 -18.11 -8.66 28.75
C LEU B 108 -18.00 -7.48 27.82
N ALA B 109 -18.47 -7.63 26.57
CA ALA B 109 -18.42 -6.53 25.61
C ALA B 109 -19.69 -5.70 25.74
N VAL B 110 -19.54 -4.38 25.65
CA VAL B 110 -20.63 -3.42 25.73
C VAL B 110 -20.54 -2.41 24.59
N ASP B 111 -21.70 -2.14 23.93
CA ASP B 111 -21.80 -1.15 22.84
C ASP B 111 -23.03 -0.22 22.90
N THR B 129 -12.86 -17.11 18.65
CA THR B 129 -11.44 -16.94 19.01
C THR B 129 -10.86 -18.16 19.77
N GLU B 130 -9.55 -18.15 20.11
CA GLU B 130 -8.88 -19.23 20.85
C GLU B 130 -9.27 -19.24 22.35
N LEU B 131 -9.66 -18.04 22.87
CA LEU B 131 -10.09 -17.78 24.25
C LEU B 131 -11.52 -18.34 24.48
N SER B 132 -12.33 -18.43 23.39
CA SER B 132 -13.68 -19.01 23.42
C SER B 132 -13.61 -20.52 23.66
N ARG B 133 -12.48 -21.15 23.29
CA ARG B 133 -12.26 -22.57 23.51
C ARG B 133 -11.79 -22.82 24.97
N ASP B 134 -11.27 -21.77 25.66
CA ASP B 134 -10.74 -21.84 27.03
C ASP B 134 -11.78 -22.10 28.10
N MET B 135 -11.67 -23.28 28.78
CA MET B 135 -12.55 -23.76 29.85
C MET B 135 -12.52 -22.88 31.11
N ASN B 136 -11.40 -22.13 31.31
CA ASN B 136 -11.20 -21.21 32.44
C ASN B 136 -11.64 -19.77 32.16
N ALA B 137 -12.17 -19.50 30.97
CA ALA B 137 -12.62 -18.17 30.62
C ALA B 137 -14.09 -18.17 30.20
N TYR B 138 -14.77 -17.03 30.41
CA TYR B 138 -16.15 -16.81 29.99
C TYR B 138 -16.22 -15.56 29.11
N ILE B 139 -16.61 -15.74 27.84
CA ILE B 139 -16.76 -14.62 26.90
C ILE B 139 -18.22 -14.43 26.53
N ARG B 140 -18.78 -13.27 26.89
CA ARG B 140 -20.17 -12.92 26.64
C ARG B 140 -20.32 -11.86 25.54
N PRO B 141 -21.14 -12.15 24.50
CA PRO B 141 -21.38 -11.16 23.43
C PRO B 141 -22.06 -9.85 23.85
N THR B 152 -24.99 -0.34 29.19
CA THR B 152 -24.30 -0.31 30.51
C THR B 152 -25.29 -0.49 31.68
N ARG B 153 -26.62 -0.59 31.32
CA ARG B 153 -27.77 -0.77 32.23
C ARG B 153 -27.63 -2.01 33.11
N THR B 154 -27.13 -3.12 32.52
CA THR B 154 -26.96 -4.36 33.28
C THR B 154 -25.51 -4.79 33.48
N THR B 155 -24.52 -3.95 33.11
CA THR B 155 -23.10 -4.28 33.20
C THR B 155 -22.65 -4.56 34.62
N ASN B 156 -23.09 -3.75 35.60
CA ASN B 156 -22.80 -3.99 36.99
C ASN B 156 -23.37 -5.28 37.52
N GLU B 157 -24.59 -5.63 37.16
CA GLU B 157 -25.30 -6.88 37.49
C GLU B 157 -24.51 -8.07 36.94
N ALA B 158 -24.06 -7.98 35.65
CA ALA B 158 -23.25 -9.01 34.98
C ALA B 158 -21.88 -9.20 35.72
N ILE B 159 -21.19 -8.09 36.07
CA ILE B 159 -19.95 -8.12 36.87
C ILE B 159 -20.21 -8.89 38.17
N LEU B 160 -21.28 -8.58 38.89
CA LEU B 160 -21.67 -9.22 40.14
C LEU B 160 -21.94 -10.70 39.97
N LEU B 161 -22.69 -11.08 38.92
CA LEU B 161 -22.97 -12.48 38.61
C LEU B 161 -21.67 -13.27 38.35
N CYS B 162 -20.71 -12.69 37.58
CA CYS B 162 -19.37 -13.28 37.33
C CYS B 162 -18.55 -13.43 38.59
N GLU B 163 -18.53 -12.40 39.47
CA GLU B 163 -17.80 -12.48 40.76
C GLU B 163 -18.43 -13.56 41.65
N GLY B 164 -19.77 -13.63 41.63
CA GLY B 164 -20.57 -14.66 42.31
C GLY B 164 -20.24 -16.06 41.81
N ALA B 165 -19.96 -16.20 40.50
CA ALA B 165 -19.59 -17.47 39.84
C ALA B 165 -18.14 -17.90 40.10
N GLY B 166 -17.32 -17.03 40.70
CA GLY B 166 -15.92 -17.35 41.04
C GLY B 166 -14.81 -16.79 40.15
N TYR B 167 -15.13 -15.86 39.26
CA TYR B 167 -14.16 -15.21 38.37
C TYR B 167 -13.41 -14.12 39.15
N ASP B 168 -12.09 -14.07 38.95
CA ASP B 168 -11.19 -13.12 39.65
C ASP B 168 -10.70 -11.96 38.75
N ILE B 169 -10.98 -12.02 37.45
CA ILE B 169 -10.61 -10.95 36.52
C ILE B 169 -11.80 -10.73 35.64
N ILE B 170 -12.37 -9.53 35.73
CA ILE B 170 -13.52 -9.12 34.93
C ILE B 170 -13.05 -8.01 33.98
N LEU B 171 -13.17 -8.28 32.69
CA LEU B 171 -12.75 -7.37 31.65
C LEU B 171 -13.95 -6.85 30.89
N ILE B 172 -14.10 -5.52 30.87
CA ILE B 172 -15.19 -4.87 30.18
C ILE B 172 -14.64 -4.20 28.96
N GLU B 173 -15.02 -4.71 27.79
CA GLU B 173 -14.58 -4.19 26.50
C GLU B 173 -15.65 -3.26 25.85
N THR B 174 -15.22 -2.08 25.36
CA THR B 174 -16.05 -1.10 24.71
C THR B 174 -15.31 -0.47 23.53
N VAL B 175 -16.03 0.33 22.69
CA VAL B 175 -15.49 1.05 21.51
C VAL B 175 -15.72 2.56 21.70
N GLY B 176 -14.77 3.35 21.24
CA GLY B 176 -14.85 4.82 21.29
C GLY B 176 -14.07 5.49 22.41
N GLN B 179 -19.04 8.70 25.14
CA GLN B 179 -20.13 8.59 26.12
C GLN B 179 -20.18 7.24 26.83
N SER B 180 -20.38 6.11 26.07
CA SER B 180 -20.43 4.74 26.62
C SER B 180 -19.11 4.37 27.32
N GLU B 181 -17.98 4.91 26.78
CA GLU B 181 -16.64 4.76 27.31
C GLU B 181 -16.51 5.40 28.72
N PHE B 182 -17.20 6.53 28.96
CA PHE B 182 -17.20 7.21 30.27
C PHE B 182 -17.97 6.41 31.34
N ALA B 183 -19.07 5.72 30.93
CA ALA B 183 -19.89 4.87 31.79
C ALA B 183 -19.06 3.68 32.27
N VAL B 184 -18.22 3.11 31.35
CA VAL B 184 -17.33 1.97 31.60
C VAL B 184 -16.29 2.35 32.65
N ALA B 185 -15.61 3.49 32.47
CA ALA B 185 -14.60 4.00 33.42
C ALA B 185 -15.13 4.04 34.84
N ASP B 186 -16.44 4.27 35.01
CA ASP B 186 -17.12 4.33 36.29
C ASP B 186 -17.70 2.99 36.76
N MET B 187 -17.30 1.87 36.17
CA MET B 187 -17.81 0.57 36.62
C MET B 187 -16.64 -0.38 36.95
N VAL B 188 -15.42 0.08 36.65
CA VAL B 188 -14.19 -0.69 36.69
C VAL B 188 -13.21 -0.09 37.69
N ASP B 189 -12.18 -0.89 38.13
CA ASP B 189 -11.11 -0.42 39.03
C ASP B 189 -10.04 0.31 38.18
N MET B 190 -9.73 -0.21 36.97
CA MET B 190 -8.72 0.39 36.10
C MET B 190 -9.16 0.58 34.65
N PHE B 191 -9.03 1.83 34.16
CA PHE B 191 -9.37 2.19 32.80
C PHE B 191 -8.16 2.23 31.90
N VAL B 192 -8.19 1.38 30.87
CA VAL B 192 -7.11 1.25 29.92
C VAL B 192 -7.57 1.64 28.50
N LEU B 193 -6.82 2.55 27.85
CA LEU B 193 -7.08 2.97 26.49
C LEU B 193 -6.10 2.38 25.49
N LEU B 194 -6.63 1.72 24.45
CA LEU B 194 -5.83 1.16 23.36
C LEU B 194 -5.90 2.13 22.17
N LEU B 195 -4.82 2.87 21.92
CA LEU B 195 -4.77 3.88 20.86
C LEU B 195 -3.84 3.44 19.74
N PRO B 196 -4.31 3.42 18.47
CA PRO B 196 -3.44 2.97 17.37
C PRO B 196 -2.27 3.91 17.03
N PRO B 197 -1.22 3.48 16.31
CA PRO B 197 -0.13 4.40 15.99
C PRO B 197 -0.48 5.29 14.78
N ILE B 210 -10.77 11.35 25.95
CA ILE B 210 -10.97 10.46 27.10
C ILE B 210 -9.62 10.10 27.79
N ILE B 211 -8.50 10.70 27.29
CA ILE B 211 -7.13 10.55 27.84
C ILE B 211 -7.06 11.02 29.31
N GLU B 212 -8.04 11.87 29.69
CA GLU B 212 -8.25 12.43 31.02
C GLU B 212 -8.68 11.36 32.04
N MET B 213 -9.47 10.35 31.60
CA MET B 213 -9.98 9.25 32.42
C MET B 213 -9.12 7.94 32.37
N ALA B 214 -8.06 7.90 31.55
CA ALA B 214 -7.23 6.74 31.36
C ALA B 214 -6.15 6.59 32.43
N ASP B 215 -6.09 5.38 33.06
CA ASP B 215 -5.12 5.00 34.09
C ASP B 215 -3.84 4.50 33.42
N LEU B 216 -3.98 3.99 32.21
CA LEU B 216 -2.91 3.50 31.39
C LEU B 216 -3.35 3.66 29.93
N VAL B 217 -2.42 4.10 29.10
CA VAL B 217 -2.61 4.26 27.66
C VAL B 217 -1.63 3.32 26.96
N ALA B 218 -2.18 2.40 26.12
CA ALA B 218 -1.42 1.42 25.37
C ALA B 218 -1.42 1.81 23.95
N VAL B 219 -0.22 2.18 23.42
CA VAL B 219 -0.11 2.51 22.00
C VAL B 219 0.12 1.14 21.36
N THR B 220 -0.88 0.63 20.67
CA THR B 220 -0.84 -0.69 20.03
C THR B 220 -0.06 -0.64 18.73
N LYS B 221 0.12 -1.82 18.10
CA LYS B 221 0.82 -2.03 16.81
C LYS B 221 2.28 -1.46 16.74
N SER B 222 3.03 -1.64 17.83
CA SER B 222 4.41 -1.20 17.95
C SER B 222 5.39 -2.24 17.32
N ASP B 223 5.04 -2.77 16.11
CA ASP B 223 5.82 -3.74 15.30
C ASP B 223 6.04 -3.27 13.83
N GLY B 224 7.08 -3.81 13.20
CA GLY B 224 7.41 -3.51 11.81
C GLY B 224 7.75 -2.07 11.49
N ASP B 225 6.98 -1.46 10.59
CA ASP B 225 7.19 -0.06 10.22
C ASP B 225 6.17 0.86 10.93
N LEU B 226 5.36 0.27 11.82
CA LEU B 226 4.39 1.04 12.60
C LEU B 226 4.96 1.30 14.01
N ILE B 227 6.33 1.22 14.16
CA ILE B 227 7.10 1.48 15.40
C ILE B 227 7.35 2.99 15.55
N VAL B 228 8.00 3.62 14.50
CA VAL B 228 8.36 5.05 14.40
C VAL B 228 7.15 5.99 14.65
N PRO B 229 5.95 5.76 14.05
CA PRO B 229 4.81 6.60 14.41
C PRO B 229 4.30 6.32 15.84
N ALA B 230 4.35 5.03 16.31
CA ALA B 230 3.92 4.59 17.66
C ALA B 230 4.81 5.13 18.79
N ARG B 231 6.13 5.33 18.52
CA ARG B 231 7.10 5.98 19.43
C ARG B 231 6.79 7.49 19.50
N ARG B 232 6.46 8.10 18.33
CA ARG B 232 6.09 9.52 18.19
C ARG B 232 4.75 9.82 18.89
N ILE B 233 3.70 8.99 18.65
CA ILE B 233 2.38 9.10 19.29
C ILE B 233 2.50 8.93 20.82
N GLN B 234 3.44 8.03 21.29
CA GLN B 234 3.76 7.73 22.70
C GLN B 234 4.31 8.96 23.43
N ALA B 235 5.25 9.69 22.76
CA ALA B 235 5.89 10.91 23.21
C ALA B 235 4.87 12.07 23.34
N GLU B 236 3.93 12.19 22.37
CA GLU B 236 2.84 13.17 22.35
C GLU B 236 1.88 13.00 23.53
N TYR B 237 1.48 11.75 23.84
CA TYR B 237 0.60 11.49 24.96
C TYR B 237 1.29 11.70 26.30
N VAL B 238 2.59 11.30 26.42
CA VAL B 238 3.37 11.57 27.63
C VAL B 238 3.40 13.10 27.82
N SER B 239 3.62 13.85 26.72
CA SER B 239 3.64 15.32 26.72
C SER B 239 2.30 15.91 27.16
N ALA B 240 1.18 15.39 26.64
CA ALA B 240 -0.18 15.82 26.97
C ALA B 240 -0.49 15.66 28.48
N LEU B 241 -0.21 14.47 29.06
CA LEU B 241 -0.43 14.16 30.48
C LEU B 241 0.38 15.05 31.41
N LYS B 242 1.62 15.42 31.00
CA LYS B 242 2.49 16.29 31.79
C LYS B 242 1.85 17.65 32.12
N LEU B 243 0.78 18.05 31.42
CA LEU B 243 0.11 19.30 31.76
C LEU B 243 -1.40 19.08 32.00
N LEU B 244 -1.71 17.99 32.75
CA LEU B 244 -3.06 17.54 33.10
C LEU B 244 -3.25 17.39 34.66
N ARG B 245 -4.54 17.55 35.13
CA ARG B 245 -5.03 17.52 36.52
C ARG B 245 -5.12 16.12 37.13
N LYS B 246 -4.33 15.86 38.22
CA LYS B 246 -4.23 14.58 38.94
C LYS B 246 -5.55 13.99 39.51
N ARG B 247 -5.85 12.74 39.15
CA ARG B 247 -7.00 12.01 39.64
C ARG B 247 -6.60 11.14 40.87
N SER B 248 -5.28 10.90 41.04
CA SER B 248 -4.75 10.09 42.13
C SER B 248 -3.56 10.72 42.81
N GLN B 249 -3.42 10.45 44.11
CA GLN B 249 -2.26 10.93 44.88
C GLN B 249 -1.06 9.96 44.75
N VAL B 250 -1.30 8.72 44.26
CA VAL B 250 -0.32 7.61 44.15
C VAL B 250 -0.02 7.10 42.72
N TRP B 251 -0.87 7.38 41.77
CA TRP B 251 -0.66 6.82 40.45
C TRP B 251 -0.56 7.88 39.40
N LYS B 252 0.48 7.75 38.56
CA LYS B 252 0.74 8.61 37.42
C LYS B 252 0.42 7.80 36.16
N PRO B 253 -0.62 8.18 35.37
CA PRO B 253 -0.94 7.43 34.14
C PRO B 253 0.26 7.23 33.21
N LYS B 254 0.50 5.99 32.81
CA LYS B 254 1.62 5.66 31.96
C LYS B 254 1.15 5.47 30.52
N VAL B 255 2.05 5.78 29.58
CA VAL B 255 1.86 5.60 28.14
C VAL B 255 2.91 4.56 27.70
N ILE B 256 2.43 3.35 27.40
CA ILE B 256 3.30 2.24 27.01
C ILE B 256 3.00 1.87 25.57
N ARG B 257 3.94 1.14 24.93
CA ARG B 257 3.75 0.66 23.57
C ARG B 257 3.62 -0.86 23.63
N ILE B 258 2.60 -1.41 22.99
CA ILE B 258 2.40 -2.85 23.01
C ILE B 258 2.32 -3.37 21.60
N SER B 259 2.64 -4.64 21.45
CA SER B 259 2.56 -5.30 20.17
C SER B 259 1.99 -6.70 20.37
N ALA B 260 0.69 -6.88 20.02
CA ALA B 260 -0.10 -8.13 20.17
C ALA B 260 0.32 -9.24 19.19
N ARG B 261 1.18 -8.86 18.24
CA ARG B 261 1.75 -9.67 17.19
C ARG B 261 3.12 -10.17 17.66
N SER B 262 3.98 -9.26 18.19
CA SER B 262 5.32 -9.62 18.68
C SER B 262 5.38 -9.94 20.17
N GLY B 263 4.33 -9.60 20.90
CA GLY B 263 4.23 -9.78 22.34
C GLY B 263 4.79 -8.62 23.14
N GLU B 264 5.48 -7.66 22.44
CA GLU B 264 6.13 -6.49 23.05
C GLU B 264 5.23 -5.74 24.03
N GLY B 265 5.78 -5.46 25.22
CA GLY B 265 5.12 -4.70 26.28
C GLY B 265 3.93 -5.32 26.97
N ILE B 266 3.41 -6.48 26.48
CA ILE B 266 2.23 -7.14 27.06
C ILE B 266 2.41 -7.64 28.52
N SER B 267 3.56 -8.27 28.81
CA SER B 267 3.86 -8.73 30.16
C SER B 267 4.13 -7.55 31.09
N GLU B 268 4.85 -6.53 30.57
CA GLU B 268 5.18 -5.30 31.31
C GLU B 268 3.89 -4.51 31.60
N MET B 269 2.86 -4.59 30.70
CA MET B 269 1.56 -3.97 30.87
C MET B 269 0.82 -4.63 32.04
N TRP B 270 0.71 -5.98 32.02
CA TRP B 270 0.12 -6.74 33.11
C TRP B 270 0.81 -6.44 34.46
N ASP B 271 2.13 -6.22 34.46
CA ASP B 271 2.86 -5.89 35.69
C ASP B 271 2.51 -4.49 36.20
N LYS B 272 2.41 -3.49 35.29
CA LYS B 272 1.98 -2.14 35.69
C LYS B 272 0.51 -2.19 36.18
N MET B 273 -0.32 -3.13 35.64
CA MET B 273 -1.72 -3.31 36.04
C MET B 273 -1.82 -3.85 37.44
N LYS B 274 -0.98 -4.86 37.76
CA LYS B 274 -0.82 -5.44 39.11
C LYS B 274 -0.25 -4.41 40.09
N ASP B 275 0.63 -3.47 39.64
CA ASP B 275 1.13 -2.36 40.47
C ASP B 275 0.04 -1.36 40.79
N PHE B 276 -0.76 -0.95 39.77
CA PHE B 276 -1.91 -0.04 39.90
C PHE B 276 -2.83 -0.67 40.95
N GLN B 277 -3.19 -1.97 40.78
CA GLN B 277 -4.03 -2.71 41.70
C GLN B 277 -3.52 -2.61 43.15
N ASP B 278 -2.24 -2.97 43.37
CA ASP B 278 -1.58 -2.94 44.67
C ASP B 278 -1.57 -1.56 45.32
N LEU B 279 -1.24 -0.49 44.55
CA LEU B 279 -1.22 0.90 45.02
C LEU B 279 -2.59 1.36 45.43
N MET B 280 -3.62 1.06 44.60
CA MET B 280 -5.03 1.40 44.82
C MET B 280 -5.61 0.75 46.04
N LEU B 281 -5.22 -0.53 46.30
CA LEU B 281 -5.66 -1.21 47.52
C LEU B 281 -4.97 -0.55 48.73
N ALA B 282 -3.60 -0.56 48.80
CA ALA B 282 -2.80 0.02 49.88
C ALA B 282 -3.20 1.48 50.25
N SER B 283 -3.40 2.35 49.24
CA SER B 283 -3.76 3.76 49.45
C SER B 283 -5.21 3.98 49.90
N GLY B 284 -6.05 2.97 49.68
CA GLY B 284 -7.48 3.01 50.02
C GLY B 284 -8.33 3.62 48.94
N GLU B 285 -7.70 4.02 47.81
CA GLU B 285 -8.35 4.67 46.67
C GLU B 285 -9.28 3.74 45.88
N LEU B 286 -9.00 2.41 45.87
CA LEU B 286 -9.84 1.42 45.17
C LEU B 286 -11.21 1.28 45.86
N THR B 287 -11.24 1.15 47.19
CA THR B 287 -12.47 1.01 47.95
C THR B 287 -13.26 2.30 47.92
N ALA B 288 -12.59 3.46 47.96
CA ALA B 288 -13.21 4.79 47.91
C ALA B 288 -13.94 4.97 46.60
N LYS B 289 -13.27 4.57 45.48
CA LYS B 289 -13.76 4.61 44.12
C LYS B 289 -14.94 3.65 44.03
N ARG B 290 -14.83 2.41 44.62
CA ARG B 290 -15.92 1.39 44.59
C ARG B 290 -17.16 1.84 45.29
N ARG B 291 -17.00 2.35 46.55
CA ARG B 291 -18.09 2.93 47.33
C ARG B 291 -18.76 4.11 46.59
N LYS B 292 -18.01 4.94 45.82
CA LYS B 292 -18.60 6.03 45.04
C LYS B 292 -19.47 5.53 43.86
N GLN B 293 -19.01 4.47 43.14
CA GLN B 293 -19.67 3.79 42.00
C GLN B 293 -20.88 3.02 42.49
N GLN B 294 -20.76 2.41 43.67
CA GLN B 294 -21.88 1.67 44.26
C GLN B 294 -23.06 2.62 44.54
N LYS B 295 -22.76 3.84 45.08
CA LYS B 295 -23.74 4.88 45.36
C LYS B 295 -24.42 5.26 44.08
N VAL B 296 -23.64 5.48 43.02
CA VAL B 296 -24.23 5.86 41.71
C VAL B 296 -25.15 4.78 41.17
N TRP B 297 -24.73 3.51 41.26
CA TRP B 297 -25.49 2.35 40.81
C TRP B 297 -26.77 2.12 41.61
N MET B 298 -26.67 2.11 42.95
CA MET B 298 -27.82 1.93 43.84
C MET B 298 -28.84 3.03 43.67
N TRP B 299 -28.38 4.28 43.56
CA TRP B 299 -29.29 5.38 43.30
C TRP B 299 -30.06 5.25 41.96
N ASN B 300 -29.41 4.83 40.91
CA ASN B 300 -30.08 4.66 39.63
C ASN B 300 -31.10 3.54 39.69
N LEU B 301 -30.85 2.45 40.45
CA LEU B 301 -31.82 1.34 40.62
C LEU B 301 -33.05 1.84 41.37
N ILE B 302 -32.84 2.63 42.46
CA ILE B 302 -33.91 3.22 43.28
C ILE B 302 -34.67 4.25 42.48
N GLN B 303 -33.99 5.18 41.77
CA GLN B 303 -34.75 6.17 40.99
C GLN B 303 -35.58 5.58 39.87
N GLU B 304 -35.12 4.48 39.23
CA GLU B 304 -35.88 3.79 38.19
C GLU B 304 -37.18 3.25 38.77
N SER B 305 -37.14 2.73 40.02
CA SER B 305 -38.27 2.15 40.74
C SER B 305 -39.18 3.23 41.21
N VAL B 306 -38.62 4.38 41.66
CA VAL B 306 -39.38 5.58 42.06
C VAL B 306 -40.21 6.05 40.85
N LEU B 307 -39.61 6.16 39.62
CA LEU B 307 -40.34 6.55 38.41
C LEU B 307 -41.39 5.56 37.91
N GLU B 308 -41.18 4.22 38.02
CA GLU B 308 -42.19 3.28 37.56
C GLU B 308 -43.38 3.42 38.46
N HIS B 309 -43.15 3.46 39.78
CA HIS B 309 -44.19 3.53 40.80
C HIS B 309 -44.94 4.84 40.66
N PHE B 310 -44.19 5.94 40.41
CA PHE B 310 -44.78 7.25 40.21
C PHE B 310 -45.65 7.33 38.97
N ARG B 311 -45.07 7.10 37.79
CA ARG B 311 -45.73 7.19 36.48
C ARG B 311 -46.95 6.26 36.30
N THR B 312 -47.07 5.22 37.15
CA THR B 312 -48.19 4.26 37.10
C THR B 312 -49.27 4.57 38.11
N HIS B 313 -48.99 5.47 39.07
CA HIS B 313 -49.97 5.94 40.04
C HIS B 313 -51.20 6.58 39.32
N PRO B 314 -52.43 6.12 39.57
CA PRO B 314 -53.60 6.63 38.82
C PRO B 314 -53.84 8.13 38.72
N THR B 315 -53.64 8.88 39.83
CA THR B 315 -53.79 10.35 39.84
C THR B 315 -52.70 10.99 38.95
N VAL B 316 -51.51 10.36 38.89
CA VAL B 316 -50.37 10.75 38.06
C VAL B 316 -50.65 10.42 36.60
N ARG B 317 -50.91 9.12 36.31
CA ARG B 317 -51.22 8.54 35.00
C ARG B 317 -52.31 9.34 34.25
N GLU B 318 -53.41 9.70 34.90
CA GLU B 318 -54.51 10.50 34.35
C GLU B 318 -54.12 11.96 33.89
N GLN B 319 -53.18 12.60 34.64
CA GLN B 319 -52.78 13.98 34.39
C GLN B 319 -51.69 14.17 33.37
N ILE B 320 -50.80 13.20 33.22
CA ILE B 320 -49.65 13.28 32.32
C ILE B 320 -49.96 13.76 30.87
N PRO B 321 -50.95 13.20 30.12
CA PRO B 321 -51.21 13.68 28.75
C PRO B 321 -51.47 15.19 28.66
N LEU B 322 -52.43 15.67 29.43
CA LEU B 322 -52.78 17.06 29.50
C LEU B 322 -51.55 17.96 29.86
N LEU B 323 -50.74 17.50 30.80
CA LEU B 323 -49.58 18.22 31.30
C LEU B 323 -48.46 18.38 30.28
N GLU B 324 -48.18 17.33 29.50
CA GLU B 324 -47.18 17.35 28.42
C GLU B 324 -47.63 18.39 27.35
N GLN B 325 -48.97 18.49 27.08
CA GLN B 325 -49.51 19.44 26.13
C GLN B 325 -49.22 20.85 26.60
N LYS B 326 -49.61 21.17 27.88
CA LYS B 326 -49.43 22.48 28.54
C LYS B 326 -47.99 22.92 28.53
N VAL B 327 -47.04 22.00 28.71
CA VAL B 327 -45.62 22.38 28.75
C VAL B 327 -45.20 22.86 27.33
N LEU B 328 -45.44 22.02 26.30
CA LEU B 328 -45.11 22.22 24.87
C LEU B 328 -45.72 23.49 24.26
N ILE B 329 -46.92 23.83 24.71
CA ILE B 329 -47.69 25.02 24.31
C ILE B 329 -47.08 26.28 25.02
N GLY B 330 -46.16 26.06 25.94
CA GLY B 330 -45.50 27.08 26.73
C GLY B 330 -46.35 27.62 27.88
N ALA B 331 -47.43 26.91 28.24
CA ALA B 331 -48.33 27.33 29.33
C ALA B 331 -47.81 26.96 30.73
N LEU B 332 -46.86 26.05 30.76
CA LEU B 332 -46.34 25.50 32.01
C LEU B 332 -44.88 25.08 31.85
N SER B 333 -44.12 25.21 32.94
CA SER B 333 -42.72 24.82 32.95
C SER B 333 -42.63 23.37 33.43
N PRO B 334 -41.57 22.58 33.05
CA PRO B 334 -41.46 21.21 33.59
C PRO B 334 -41.38 21.15 35.16
N GLY B 335 -40.77 22.16 35.83
CA GLY B 335 -40.69 22.27 37.30
C GLY B 335 -42.06 22.42 37.94
N LEU B 336 -42.89 23.28 37.39
CA LEU B 336 -44.27 23.47 37.86
C LEU B 336 -45.16 22.26 37.55
N ALA B 337 -45.00 21.64 36.35
CA ALA B 337 -45.68 20.40 35.95
C ALA B 337 -45.33 19.30 36.99
N ALA B 338 -44.01 19.20 37.33
CA ALA B 338 -43.50 18.25 38.32
C ALA B 338 -44.08 18.51 39.69
N ASP B 339 -44.14 19.79 40.17
CA ASP B 339 -44.74 20.15 41.47
C ASP B 339 -46.17 19.75 41.56
N PHE B 340 -46.94 20.07 40.51
CA PHE B 340 -48.35 19.72 40.39
C PHE B 340 -48.49 18.18 40.52
N LEU B 341 -47.80 17.37 39.69
CA LEU B 341 -47.81 15.89 39.73
C LEU B 341 -47.43 15.31 41.08
N LEU B 342 -46.37 15.84 41.71
CA LEU B 342 -45.97 15.41 43.06
C LEU B 342 -47.08 15.69 44.08
N LYS B 343 -47.78 16.87 44.01
CA LYS B 343 -48.94 17.18 44.89
C LYS B 343 -50.09 16.21 44.62
N ALA B 344 -50.39 15.93 43.34
CA ALA B 344 -51.41 14.98 42.88
C ALA B 344 -51.17 13.57 43.45
N PHE B 345 -49.92 13.09 43.40
CA PHE B 345 -49.48 11.81 43.97
C PHE B 345 -49.73 11.79 45.51
N LYS B 346 -49.26 12.84 46.23
CA LYS B 346 -49.42 13.06 47.68
C LYS B 346 -50.91 13.09 48.11
N SER B 347 -51.78 13.82 47.35
CA SER B 347 -53.22 13.96 47.61
C SER B 347 -54.03 12.95 46.76
N ARG C 15 22.86 -41.77 -35.57
CA ARG C 15 21.70 -42.66 -35.36
C ARG C 15 20.71 -42.03 -34.37
N PHE C 16 21.25 -41.43 -33.30
CA PHE C 16 20.52 -40.70 -32.26
C PHE C 16 19.87 -39.46 -32.90
N VAL C 17 20.66 -38.69 -33.69
CA VAL C 17 20.24 -37.51 -34.44
C VAL C 17 19.04 -37.85 -35.34
N ASP C 18 19.12 -38.98 -36.10
CA ASP C 18 18.04 -39.46 -36.97
C ASP C 18 16.72 -39.72 -36.23
N LYS C 19 16.74 -40.21 -34.96
CA LYS C 19 15.47 -40.40 -34.23
C LYS C 19 14.89 -39.02 -33.77
N LEU C 20 15.74 -38.20 -33.10
CA LEU C 20 15.44 -36.83 -32.62
C LEU C 20 14.99 -35.94 -33.77
N TYR C 21 15.43 -36.25 -35.00
CA TYR C 21 14.98 -35.58 -36.22
C TYR C 21 13.56 -36.06 -36.58
N THR C 22 13.36 -37.38 -36.69
CA THR C 22 12.08 -38.01 -37.05
C THR C 22 10.94 -37.65 -36.07
N GLY C 23 11.22 -37.71 -34.76
CA GLY C 23 10.29 -37.38 -33.69
C GLY C 23 9.90 -35.91 -33.63
N LEU C 24 10.83 -35.02 -33.98
CA LEU C 24 10.62 -33.56 -34.03
C LEU C 24 9.74 -33.24 -35.22
N ILE C 25 10.07 -33.78 -36.42
CA ILE C 25 9.29 -33.55 -37.64
C ILE C 25 7.93 -34.20 -37.65
N GLN C 26 7.72 -35.24 -36.81
CA GLN C 26 6.42 -35.90 -36.63
C GLN C 26 5.52 -35.15 -35.64
N GLY C 27 6.08 -34.17 -34.91
CA GLY C 27 5.35 -33.38 -33.93
C GLY C 27 5.46 -33.76 -32.46
N GLN C 28 6.32 -34.76 -32.07
CA GLN C 28 6.48 -35.13 -30.64
C GLN C 28 7.24 -34.04 -29.84
N ARG C 29 6.54 -33.39 -28.88
CA ARG C 29 7.00 -32.27 -28.03
C ARG C 29 8.35 -32.50 -27.33
N ALA C 30 8.61 -33.75 -26.87
CA ALA C 30 9.84 -34.14 -26.14
C ALA C 30 11.07 -34.17 -27.07
N CYS C 31 10.85 -34.62 -28.33
CA CYS C 31 11.86 -34.71 -29.39
C CYS C 31 12.33 -33.32 -29.83
N LEU C 32 11.54 -32.27 -29.52
CA LEU C 32 11.84 -30.86 -29.78
C LEU C 32 12.38 -30.17 -28.52
N ALA C 33 11.91 -30.60 -27.32
CA ALA C 33 12.38 -30.07 -26.03
C ALA C 33 13.82 -30.52 -25.78
N GLU C 34 14.22 -31.74 -26.24
CA GLU C 34 15.59 -32.29 -26.11
C GLU C 34 16.52 -31.70 -27.19
N ALA C 35 15.94 -31.43 -28.40
CA ALA C 35 16.58 -30.85 -29.58
C ALA C 35 17.10 -29.45 -29.29
N ILE C 36 16.29 -28.65 -28.54
CA ILE C 36 16.65 -27.29 -28.12
C ILE C 36 17.73 -27.34 -27.05
N THR C 37 17.62 -28.28 -26.08
CA THR C 37 18.64 -28.50 -25.05
C THR C 37 20.00 -28.86 -25.69
N LEU C 38 19.96 -29.75 -26.69
CA LEU C 38 21.13 -30.19 -27.45
C LEU C 38 21.87 -29.01 -28.11
N VAL C 39 21.10 -28.15 -28.82
CA VAL C 39 21.48 -26.96 -29.57
C VAL C 39 22.08 -25.87 -28.66
N GLU C 40 21.62 -25.85 -27.38
CA GLU C 40 22.03 -24.93 -26.33
C GLU C 40 23.33 -25.35 -25.60
N SER C 41 23.73 -26.63 -25.75
CA SER C 41 24.93 -27.18 -25.12
C SER C 41 26.25 -26.52 -25.60
N THR C 42 27.21 -26.41 -24.65
CA THR C 42 28.54 -25.86 -24.90
C THR C 42 29.63 -26.93 -25.11
N HIS C 43 29.32 -28.24 -24.88
CA HIS C 43 30.29 -29.33 -25.10
C HIS C 43 30.51 -29.60 -26.57
N SER C 44 31.80 -29.77 -26.96
CA SER C 44 32.27 -29.97 -28.34
C SER C 44 31.54 -31.09 -29.14
N ARG C 45 31.35 -32.28 -28.53
CA ARG C 45 30.65 -33.39 -29.19
C ARG C 45 29.17 -33.06 -29.37
N LYS C 46 28.55 -32.43 -28.35
CA LYS C 46 27.14 -32.01 -28.41
C LYS C 46 26.89 -30.95 -29.48
N LYS C 47 27.87 -30.02 -29.68
CA LYS C 47 27.83 -28.98 -30.74
C LYS C 47 27.92 -29.62 -32.13
N GLU C 48 28.68 -30.72 -32.27
CA GLU C 48 28.83 -31.44 -33.54
C GLU C 48 27.51 -32.12 -33.93
N LEU C 49 26.76 -32.67 -32.92
CA LEU C 49 25.45 -33.34 -33.05
C LEU C 49 24.36 -32.31 -33.39
N ALA C 50 24.39 -31.15 -32.71
CA ALA C 50 23.48 -30.04 -32.92
C ALA C 50 23.59 -29.54 -34.35
N GLN C 51 24.83 -29.34 -34.86
CA GLN C 51 25.05 -28.87 -36.24
C GLN C 51 24.50 -29.86 -37.29
N VAL C 52 24.76 -31.15 -37.13
CA VAL C 52 24.24 -32.16 -38.03
C VAL C 52 22.71 -32.07 -38.03
N LEU C 53 22.08 -32.10 -36.83
CA LEU C 53 20.63 -32.03 -36.66
C LEU C 53 20.03 -30.79 -37.37
N LEU C 54 20.61 -29.60 -37.10
CA LEU C 54 20.20 -28.32 -37.70
C LEU C 54 20.28 -28.33 -39.20
N GLN C 55 21.31 -28.96 -39.76
CA GLN C 55 21.43 -29.08 -41.21
C GLN C 55 20.31 -29.98 -41.81
N LYS C 56 19.85 -31.04 -41.09
CA LYS C 56 18.75 -31.92 -41.56
C LYS C 56 17.47 -31.12 -41.57
N VAL C 57 17.26 -30.34 -40.51
CA VAL C 57 16.08 -29.49 -40.34
C VAL C 57 16.09 -28.40 -41.44
N LEU C 58 17.28 -27.82 -41.76
CA LEU C 58 17.41 -26.77 -42.79
C LEU C 58 16.98 -27.26 -44.16
N LEU C 59 17.34 -28.50 -44.51
CA LEU C 59 16.99 -29.11 -45.79
C LEU C 59 15.51 -29.35 -45.89
N TYR C 60 14.90 -29.84 -44.78
CA TYR C 60 13.48 -30.14 -44.71
C TYR C 60 12.66 -28.84 -44.75
N HIS C 61 13.11 -27.82 -43.99
CA HIS C 61 12.50 -26.51 -43.91
C HIS C 61 12.37 -25.91 -45.31
N ARG C 62 13.44 -26.08 -46.13
CA ARG C 62 13.48 -25.61 -47.51
C ARG C 62 12.48 -26.38 -48.38
N GLU C 63 12.39 -27.74 -48.17
CA GLU C 63 11.43 -28.60 -48.88
C GLU C 63 10.01 -28.12 -48.57
N GLN C 64 9.64 -27.99 -47.26
CA GLN C 64 8.29 -27.58 -46.84
C GLN C 64 7.83 -26.23 -47.39
N GLU C 65 8.74 -25.23 -47.52
CA GLU C 65 8.36 -23.94 -48.10
C GLU C 65 8.12 -24.10 -49.61
N GLN C 66 9.01 -24.88 -50.31
CA GLN C 66 8.87 -25.14 -51.77
C GLN C 66 7.58 -25.92 -52.09
N SER C 67 7.18 -26.84 -51.20
CA SER C 67 5.93 -27.61 -51.29
C SER C 67 4.73 -26.81 -50.71
N ASN C 68 4.94 -25.49 -50.45
CA ASN C 68 3.95 -24.52 -49.97
C ASN C 68 3.99 -23.31 -50.91
N LYS C 69 4.55 -23.52 -52.13
CA LYS C 69 4.66 -22.56 -53.22
C LYS C 69 5.41 -21.27 -52.83
N GLY C 70 6.56 -21.45 -52.16
CA GLY C 70 7.47 -20.37 -51.75
C GLY C 70 7.01 -19.53 -50.58
N LYS C 71 5.76 -19.74 -50.12
CA LYS C 71 5.12 -19.03 -49.00
C LYS C 71 5.65 -19.59 -47.62
N PRO C 72 5.96 -18.70 -46.65
CA PRO C 72 6.47 -19.20 -45.36
C PRO C 72 5.42 -20.00 -44.60
N LEU C 73 5.89 -20.93 -43.74
CA LEU C 73 5.04 -21.81 -42.93
C LEU C 73 4.70 -21.33 -41.50
N ALA C 74 5.47 -20.38 -40.99
CA ALA C 74 5.15 -19.79 -39.72
C ALA C 74 5.28 -18.27 -39.78
N PHE C 75 4.65 -17.63 -38.79
CA PHE C 75 4.64 -16.23 -38.52
C PHE C 75 5.40 -16.03 -37.19
N ARG C 76 6.53 -15.31 -37.26
CA ARG C 76 7.45 -15.04 -36.14
C ARG C 76 7.15 -13.71 -35.50
N VAL C 77 6.76 -13.75 -34.24
CA VAL C 77 6.38 -12.55 -33.50
C VAL C 77 7.32 -12.30 -32.33
N GLY C 78 7.84 -11.07 -32.24
CA GLY C 78 8.69 -10.62 -31.16
C GLY C 78 7.86 -9.78 -30.23
N LEU C 79 7.80 -10.17 -28.95
CA LEU C 79 7.06 -9.48 -27.88
C LEU C 79 8.01 -8.98 -26.76
N SER C 80 7.92 -7.70 -26.43
CA SER C 80 8.74 -7.09 -25.42
C SER C 80 7.96 -6.08 -24.60
N GLY C 81 8.51 -5.78 -23.42
CA GLY C 81 7.94 -4.81 -22.50
C GLY C 81 8.70 -4.78 -21.18
N PRO C 82 8.44 -3.79 -20.34
CA PRO C 82 9.09 -3.76 -19.00
C PRO C 82 8.62 -4.91 -18.08
N PRO C 83 9.31 -5.22 -16.96
CA PRO C 83 8.79 -6.26 -16.04
C PRO C 83 7.48 -5.74 -15.41
N GLY C 84 6.47 -6.60 -15.26
CA GLY C 84 5.17 -6.19 -14.75
C GLY C 84 4.19 -5.61 -15.80
N ALA C 85 4.60 -5.49 -17.11
CA ALA C 85 3.77 -4.96 -18.20
C ALA C 85 2.53 -5.81 -18.38
N GLY C 86 2.60 -7.11 -18.12
CA GLY C 86 1.45 -8.00 -18.26
C GLY C 86 1.67 -9.03 -19.33
N LYS C 87 2.98 -9.24 -19.68
CA LYS C 87 3.46 -10.15 -20.72
C LYS C 87 3.02 -11.60 -20.53
N SER C 88 3.41 -12.19 -19.43
CA SER C 88 3.07 -13.57 -19.06
C SER C 88 1.56 -13.81 -19.08
N THR C 89 0.80 -12.89 -18.47
CA THR C 89 -0.67 -12.95 -18.38
C THR C 89 -1.27 -12.81 -19.82
N PHE C 90 -0.61 -11.99 -20.70
CA PHE C 90 -1.03 -11.76 -22.06
C PHE C 90 -0.82 -13.00 -22.91
N ILE C 91 0.39 -13.62 -22.81
CA ILE C 91 0.78 -14.81 -23.56
C ILE C 91 -0.21 -15.95 -23.25
N GLU C 92 -0.54 -16.13 -21.95
CA GLU C 92 -1.51 -17.15 -21.48
C GLU C 92 -2.91 -17.02 -22.12
N TYR C 93 -3.46 -15.79 -22.16
CA TYR C 93 -4.76 -15.49 -22.74
C TYR C 93 -4.72 -15.62 -24.27
N PHE C 94 -3.75 -14.94 -24.93
CA PHE C 94 -3.50 -14.92 -26.37
C PHE C 94 -3.14 -16.30 -26.93
N GLY C 95 -2.36 -17.09 -26.20
CA GLY C 95 -2.00 -18.42 -26.61
C GLY C 95 -3.16 -19.39 -26.59
N LYS C 96 -4.08 -19.24 -25.61
CA LYS C 96 -5.28 -20.09 -25.54
C LYS C 96 -6.23 -19.73 -26.66
N MET C 97 -6.34 -18.45 -26.96
CA MET C 97 -7.11 -17.97 -28.09
C MET C 97 -6.59 -18.55 -29.45
N LEU C 98 -5.26 -18.70 -29.56
CA LEU C 98 -4.65 -19.22 -30.76
C LEU C 98 -4.85 -20.68 -30.93
N THR C 99 -4.53 -21.46 -29.94
CA THR C 99 -4.71 -22.91 -30.05
C THR C 99 -6.14 -23.37 -30.30
N GLU C 100 -7.11 -22.68 -29.69
CA GLU C 100 -8.52 -22.97 -29.86
C GLU C 100 -8.95 -22.76 -31.33
N ARG C 101 -8.33 -21.78 -32.05
CA ARG C 101 -8.57 -21.48 -33.48
C ARG C 101 -7.75 -22.42 -34.46
N GLY C 102 -7.13 -23.47 -33.94
CA GLY C 102 -6.40 -24.38 -34.80
C GLY C 102 -4.88 -24.25 -34.91
N HIS C 103 -4.29 -23.19 -34.31
CA HIS C 103 -2.86 -22.95 -34.37
C HIS C 103 -2.03 -23.73 -33.36
N LYS C 104 -0.80 -24.11 -33.78
CA LYS C 104 0.26 -24.75 -32.98
C LYS C 104 1.29 -23.61 -32.69
N LEU C 105 1.36 -23.19 -31.41
CA LEU C 105 2.16 -22.08 -30.94
C LEU C 105 3.42 -22.41 -30.08
N SER C 106 4.57 -21.76 -30.39
CA SER C 106 5.81 -21.87 -29.60
C SER C 106 6.07 -20.57 -28.92
N VAL C 107 6.48 -20.62 -27.68
CA VAL C 107 6.83 -19.46 -26.88
C VAL C 107 8.26 -19.71 -26.43
N LEU C 108 9.19 -18.84 -26.91
CA LEU C 108 10.61 -18.94 -26.56
C LEU C 108 11.04 -17.67 -25.82
N ALA C 109 11.35 -17.74 -24.51
CA ALA C 109 11.76 -16.54 -23.76
C ALA C 109 13.26 -16.35 -23.91
N VAL C 110 13.69 -15.11 -24.00
CA VAL C 110 15.09 -14.71 -24.11
C VAL C 110 15.30 -13.59 -23.08
N ASP C 111 15.92 -13.95 -21.92
CA ASP C 111 16.12 -13.07 -20.77
C ASP C 111 17.50 -12.42 -20.78
N PRO C 112 17.64 -11.12 -21.18
CA PRO C 112 18.98 -10.49 -21.11
C PRO C 112 19.64 -10.49 -19.71
N SER C 113 18.83 -10.76 -18.63
CA SER C 113 19.25 -10.83 -17.23
C SER C 113 19.57 -12.28 -16.84
N THR C 129 1.82 -22.30 -15.72
CA THR C 129 0.61 -21.65 -16.26
C THR C 129 -0.41 -22.66 -16.87
N GLU C 130 -1.58 -22.14 -17.34
CA GLU C 130 -2.64 -22.98 -17.95
C GLU C 130 -2.24 -23.39 -19.38
N LEU C 131 -1.37 -22.58 -20.03
CA LEU C 131 -0.80 -22.76 -21.37
C LEU C 131 0.23 -23.91 -21.38
N SER C 132 0.89 -24.15 -20.23
CA SER C 132 1.86 -25.25 -20.07
C SER C 132 1.13 -26.61 -20.10
N ARG C 133 -0.17 -26.61 -19.78
CA ARG C 133 -0.98 -27.83 -19.82
C ARG C 133 -1.52 -28.06 -21.26
N ASP C 134 -1.47 -27.00 -22.14
CA ASP C 134 -1.97 -27.04 -23.52
C ASP C 134 -1.12 -27.87 -24.45
N MET C 135 -1.69 -28.97 -24.96
CA MET C 135 -1.06 -29.92 -25.89
C MET C 135 -0.63 -29.30 -27.24
N ASN C 136 -1.29 -28.20 -27.64
CA ASN C 136 -1.03 -27.49 -28.89
C ASN C 136 -0.04 -26.35 -28.77
N ALA C 137 0.53 -26.17 -27.58
CA ALA C 137 1.52 -25.13 -27.34
C ALA C 137 2.81 -25.68 -26.77
N TYR C 138 3.93 -25.03 -27.10
CA TYR C 138 5.24 -25.41 -26.57
C TYR C 138 5.86 -24.19 -25.90
N ILE C 139 6.12 -24.25 -24.58
CA ILE C 139 6.72 -23.15 -23.84
C ILE C 139 8.11 -23.58 -23.36
N ARG C 140 9.15 -22.88 -23.84
CA ARG C 140 10.55 -23.15 -23.46
C ARG C 140 11.09 -22.02 -22.58
N VAL C 151 23.02 -15.65 -25.31
CA VAL C 151 21.64 -15.17 -25.32
C VAL C 151 20.88 -15.63 -26.60
N THR C 152 20.70 -14.69 -27.54
CA THR C 152 20.07 -14.79 -28.86
C THR C 152 20.91 -15.68 -29.78
N ARG C 153 22.01 -16.22 -29.18
CA ARG C 153 23.04 -17.10 -29.75
C ARG C 153 22.46 -18.35 -30.44
N THR C 154 21.38 -18.97 -29.86
CA THR C 154 20.68 -20.14 -30.42
C THR C 154 19.21 -19.90 -30.76
N THR C 155 18.72 -18.62 -30.68
CA THR C 155 17.33 -18.29 -30.91
C THR C 155 16.86 -18.64 -32.31
N ASN C 156 17.69 -18.35 -33.32
CA ASN C 156 17.37 -18.69 -34.70
C ASN C 156 17.27 -20.15 -34.93
N GLU C 157 18.11 -20.91 -34.26
CA GLU C 157 18.18 -22.39 -34.33
C GLU C 157 16.90 -22.99 -33.74
N ALA C 158 16.46 -22.44 -32.58
CA ALA C 158 15.22 -22.83 -31.88
C ALA C 158 13.96 -22.50 -32.72
N ILE C 159 13.91 -21.30 -33.34
CA ILE C 159 12.84 -20.90 -34.27
C ILE C 159 12.69 -21.96 -35.38
N LEU C 160 13.83 -22.33 -36.02
CA LEU C 160 13.89 -23.29 -37.10
C LEU C 160 13.42 -24.70 -36.64
N LEU C 161 13.84 -25.13 -35.44
CA LEU C 161 13.42 -26.42 -34.88
C LEU C 161 11.91 -26.46 -34.69
N CYS C 162 11.32 -25.37 -34.16
CA CYS C 162 9.87 -25.24 -33.95
C CYS C 162 9.11 -25.26 -35.27
N GLU C 163 9.59 -24.52 -36.31
CA GLU C 163 8.96 -24.52 -37.65
C GLU C 163 9.05 -25.91 -38.28
N GLY C 164 10.20 -26.58 -38.07
CA GLY C 164 10.43 -27.97 -38.50
C GLY C 164 9.43 -28.93 -37.88
N ALA C 165 9.19 -28.75 -36.53
CA ALA C 165 8.22 -29.51 -35.71
C ALA C 165 6.74 -29.30 -36.09
N GLY C 166 6.42 -28.25 -36.86
CA GLY C 166 5.07 -27.97 -37.34
C GLY C 166 4.32 -26.82 -36.70
N TYR C 167 5.01 -25.97 -35.94
CA TYR C 167 4.40 -24.80 -35.31
C TYR C 167 4.27 -23.69 -36.35
N ASP C 168 3.11 -23.02 -36.35
CA ASP C 168 2.80 -21.96 -37.32
C ASP C 168 2.79 -20.54 -36.71
N ILE C 169 2.97 -20.45 -35.38
CA ILE C 169 3.08 -19.17 -34.67
C ILE C 169 4.23 -19.31 -33.67
N ILE C 170 5.34 -18.57 -33.91
CA ILE C 170 6.53 -18.57 -33.04
C ILE C 170 6.60 -17.21 -32.38
N LEU C 171 6.45 -17.18 -31.03
CA LEU C 171 6.45 -15.99 -30.18
C LEU C 171 7.76 -15.93 -29.37
N ILE C 172 8.59 -14.92 -29.63
CA ILE C 172 9.82 -14.68 -28.91
C ILE C 172 9.55 -13.59 -27.89
N GLU C 173 9.61 -13.96 -26.60
CA GLU C 173 9.36 -13.07 -25.48
C GLU C 173 10.70 -12.55 -24.88
N THR C 174 10.79 -11.24 -24.63
CA THR C 174 11.92 -10.56 -24.06
C THR C 174 11.47 -9.45 -23.07
N VAL C 175 12.44 -8.82 -22.37
CA VAL C 175 12.24 -7.73 -21.38
C VAL C 175 13.04 -6.50 -21.80
N GLY C 176 12.44 -5.33 -21.56
CA GLY C 176 13.10 -4.06 -21.78
C GLY C 176 12.67 -3.24 -22.97
N VAL C 177 13.60 -2.31 -23.32
CA VAL C 177 13.61 -1.28 -24.37
C VAL C 177 15.07 -0.96 -24.80
N GLY C 178 15.93 -2.01 -24.80
CA GLY C 178 17.36 -1.89 -25.11
C GLY C 178 18.03 -2.79 -26.13
N GLN C 179 19.16 -3.44 -25.70
CA GLN C 179 20.07 -4.29 -26.49
C GLN C 179 19.55 -5.65 -26.93
N SER C 180 19.16 -6.54 -25.98
CA SER C 180 18.60 -7.88 -26.29
C SER C 180 17.29 -7.76 -27.10
N GLU C 181 16.51 -6.67 -26.84
CA GLU C 181 15.26 -6.31 -27.52
C GLU C 181 15.55 -5.99 -29.01
N PHE C 182 16.72 -5.39 -29.34
CA PHE C 182 17.15 -5.08 -30.72
C PHE C 182 17.52 -6.35 -31.52
N ALA C 183 18.11 -7.35 -30.84
CA ALA C 183 18.50 -8.62 -31.42
C ALA C 183 17.23 -9.40 -31.80
N VAL C 184 16.19 -9.35 -30.94
CA VAL C 184 14.89 -9.99 -31.14
C VAL C 184 14.21 -9.44 -32.38
N ALA C 185 14.11 -8.09 -32.49
CA ALA C 185 13.50 -7.42 -33.62
C ALA C 185 14.08 -7.91 -34.95
N ASP C 186 15.35 -8.34 -34.95
CA ASP C 186 16.08 -8.87 -36.11
C ASP C 186 16.02 -10.37 -36.27
N MET C 187 15.11 -11.03 -35.59
CA MET C 187 14.97 -12.47 -35.72
C MET C 187 13.48 -12.81 -36.04
N VAL C 188 12.60 -11.78 -35.92
CA VAL C 188 11.17 -11.88 -36.09
C VAL C 188 10.68 -11.13 -37.33
N ASP C 189 9.44 -11.39 -37.77
CA ASP C 189 8.73 -10.75 -38.90
C ASP C 189 8.03 -9.46 -38.37
N MET C 190 7.45 -9.55 -37.20
CA MET C 190 6.74 -8.47 -36.51
C MET C 190 7.21 -8.32 -35.04
N PHE C 191 7.41 -7.06 -34.62
CA PHE C 191 7.85 -6.72 -33.28
C PHE C 191 6.76 -5.97 -32.56
N VAL C 192 6.31 -6.49 -31.43
CA VAL C 192 5.18 -5.92 -30.64
C VAL C 192 5.69 -5.48 -29.22
N LEU C 193 5.25 -4.28 -28.75
CA LEU C 193 5.57 -3.70 -27.44
C LEU C 193 4.35 -3.62 -26.51
N LEU C 194 4.47 -4.23 -25.32
CA LEU C 194 3.47 -4.20 -24.26
C LEU C 194 3.90 -3.16 -23.22
N LEU C 195 3.22 -2.04 -23.19
CA LEU C 195 3.53 -0.90 -22.31
C LEU C 195 2.47 -0.72 -21.24
N PRO C 196 2.82 -0.72 -19.94
CA PRO C 196 1.78 -0.63 -18.89
C PRO C 196 1.06 0.73 -18.80
N PRO C 197 -0.14 0.83 -18.17
CA PRO C 197 -0.79 2.16 -18.06
C PRO C 197 -0.23 3.07 -16.93
N ALA C 198 0.33 2.50 -15.86
CA ALA C 198 0.84 3.23 -14.69
C ALA C 198 2.35 3.02 -14.52
N ILE C 211 10.19 2.33 -29.20
CA ILE C 211 8.97 2.71 -29.89
C ILE C 211 9.18 2.89 -31.41
N GLU C 212 10.44 3.17 -31.80
CA GLU C 212 10.93 3.37 -33.18
C GLU C 212 10.77 2.10 -34.07
N MET C 213 11.17 0.96 -33.51
CA MET C 213 11.20 -0.37 -34.08
C MET C 213 9.87 -1.16 -33.94
N ALA C 214 8.93 -0.68 -33.08
CA ALA C 214 7.71 -1.39 -32.81
C ALA C 214 6.74 -1.30 -33.96
N ASP C 215 6.21 -2.46 -34.40
CA ASP C 215 5.22 -2.61 -35.47
C ASP C 215 3.82 -2.40 -34.91
N LEU C 216 3.66 -2.71 -33.64
CA LEU C 216 2.44 -2.51 -32.89
C LEU C 216 2.83 -2.26 -31.43
N VAL C 217 2.14 -1.33 -30.79
CA VAL C 217 2.25 -1.03 -29.37
C VAL C 217 0.87 -1.37 -28.74
N ALA C 218 0.90 -2.18 -27.68
CA ALA C 218 -0.29 -2.57 -26.93
C ALA C 218 -0.19 -1.96 -25.49
N VAL C 219 -1.17 -1.09 -25.10
CA VAL C 219 -1.21 -0.46 -23.75
C VAL C 219 -2.03 -1.43 -22.89
N THR C 220 -1.33 -2.10 -21.96
CA THR C 220 -1.87 -3.17 -21.12
C THR C 220 -2.68 -2.66 -19.95
N LYS C 221 -3.38 -3.63 -19.28
CA LYS C 221 -4.19 -3.47 -18.07
C LYS C 221 -5.27 -2.42 -18.22
N SER C 222 -5.78 -2.20 -19.44
CA SER C 222 -6.83 -1.22 -19.75
C SER C 222 -8.19 -1.69 -19.19
N ASP C 223 -8.25 -1.91 -17.84
CA ASP C 223 -9.41 -2.39 -17.08
C ASP C 223 -9.60 -1.64 -15.80
N GLY C 224 -10.86 -1.59 -15.33
CA GLY C 224 -11.24 -0.95 -14.06
C GLY C 224 -10.78 0.50 -13.91
N ASP C 225 -9.99 0.80 -12.88
CA ASP C 225 -9.55 2.18 -12.69
C ASP C 225 -8.28 2.57 -13.42
N LEU C 226 -7.84 1.71 -14.37
CA LEU C 226 -6.64 1.97 -15.17
C LEU C 226 -7.02 2.24 -16.61
N ILE C 227 -8.36 2.30 -16.91
CA ILE C 227 -8.84 2.59 -18.28
C ILE C 227 -8.47 4.03 -18.69
N VAL C 228 -8.72 5.00 -17.80
CA VAL C 228 -8.42 6.43 -17.97
C VAL C 228 -6.91 6.64 -18.18
N PRO C 229 -6.01 6.21 -17.24
CA PRO C 229 -4.55 6.35 -17.53
C PRO C 229 -4.10 5.67 -18.83
N ALA C 230 -4.69 4.51 -19.18
CA ALA C 230 -4.39 3.74 -20.40
C ALA C 230 -4.81 4.52 -21.65
N ARG C 231 -5.99 5.18 -21.62
CA ARG C 231 -6.48 6.03 -22.71
C ARG C 231 -5.51 7.24 -22.87
N ARG C 232 -4.97 7.80 -21.74
CA ARG C 232 -4.02 8.90 -21.70
C ARG C 232 -2.66 8.53 -22.29
N ILE C 233 -2.02 7.44 -21.78
CA ILE C 233 -0.74 6.92 -22.31
C ILE C 233 -0.91 6.59 -23.87
N GLN C 234 -2.02 5.94 -24.28
CA GLN C 234 -2.30 5.63 -25.68
C GLN C 234 -2.21 6.86 -26.55
N ALA C 235 -2.95 7.93 -26.14
CA ALA C 235 -3.01 9.25 -26.82
C ALA C 235 -1.60 9.80 -27.02
N GLU C 236 -0.73 9.69 -25.97
CA GLU C 236 0.67 10.13 -25.95
C GLU C 236 1.52 9.39 -26.97
N TYR C 237 1.38 8.05 -27.08
CA TYR C 237 2.09 7.24 -28.05
C TYR C 237 1.61 7.50 -29.46
N VAL C 238 0.28 7.64 -29.66
CA VAL C 238 -0.26 7.98 -30.98
C VAL C 238 0.36 9.33 -31.39
N SER C 239 0.40 10.30 -30.45
CA SER C 239 0.98 11.62 -30.64
C SER C 239 2.46 11.57 -30.99
N ALA C 240 3.23 10.75 -30.28
CA ALA C 240 4.68 10.55 -30.50
C ALA C 240 4.98 10.04 -31.91
N LEU C 241 4.27 8.95 -32.36
CA LEU C 241 4.41 8.34 -33.69
C LEU C 241 4.11 9.31 -34.82
N LYS C 242 3.10 10.16 -34.64
CA LYS C 242 2.70 11.14 -35.65
C LYS C 242 3.82 12.12 -35.99
N LEU C 243 4.87 12.17 -35.15
CA LEU C 243 6.04 13.02 -35.33
C LEU C 243 7.20 12.34 -36.02
N LEU C 244 7.34 11.00 -35.83
CA LEU C 244 8.37 10.13 -36.42
C LEU C 244 8.24 9.99 -37.95
N ARG C 245 9.40 9.90 -38.66
CA ARG C 245 9.46 9.69 -40.13
C ARG C 245 9.78 8.20 -40.33
N LYS C 246 8.87 7.47 -41.07
CA LYS C 246 8.87 6.01 -41.35
C LYS C 246 10.18 5.52 -41.94
N TRP C 251 2.88 0.30 -43.84
CA TRP C 251 2.47 0.05 -42.48
C TRP C 251 2.83 1.20 -41.57
N LYS C 252 1.79 1.64 -40.86
CA LYS C 252 1.82 2.69 -39.83
C LYS C 252 1.63 2.00 -38.46
N PRO C 253 2.66 2.00 -37.59
CA PRO C 253 2.53 1.36 -36.26
C PRO C 253 1.27 1.82 -35.51
N LYS C 254 0.51 0.88 -34.99
CA LYS C 254 -0.73 1.17 -34.24
C LYS C 254 -0.52 1.05 -32.75
N VAL C 255 -1.27 1.84 -31.98
CA VAL C 255 -1.33 1.89 -30.51
C VAL C 255 -2.72 1.47 -30.09
N ILE C 256 -2.83 0.29 -29.53
CA ILE C 256 -4.11 -0.28 -29.08
C ILE C 256 -4.11 -0.46 -27.55
N ARG C 257 -5.27 -0.59 -26.92
CA ARG C 257 -5.40 -0.82 -25.47
C ARG C 257 -5.94 -2.21 -25.25
N ILE C 258 -5.32 -2.97 -24.39
CA ILE C 258 -5.77 -4.34 -24.17
C ILE C 258 -5.93 -4.61 -22.67
N SER C 259 -6.58 -5.72 -22.33
CA SER C 259 -6.70 -6.23 -20.97
C SER C 259 -6.88 -7.75 -21.07
N ALA C 260 -5.91 -8.52 -20.55
CA ALA C 260 -5.96 -9.99 -20.48
C ALA C 260 -6.96 -10.37 -19.40
N ARG C 261 -7.23 -9.45 -18.47
CA ARG C 261 -8.17 -9.63 -17.36
C ARG C 261 -9.59 -9.55 -17.89
N SER C 262 -9.90 -8.54 -18.74
CA SER C 262 -11.25 -8.40 -19.31
C SER C 262 -11.37 -8.96 -20.70
N GLY C 263 -10.27 -9.15 -21.40
CA GLY C 263 -10.24 -9.62 -22.78
C GLY C 263 -10.28 -8.49 -23.80
N GLU C 264 -10.54 -7.27 -23.35
CA GLU C 264 -10.62 -6.05 -24.17
C GLU C 264 -9.45 -5.92 -25.18
N GLY C 265 -9.76 -5.64 -26.45
CA GLY C 265 -8.80 -5.41 -27.52
C GLY C 265 -7.92 -6.57 -28.00
N ILE C 266 -7.98 -7.72 -27.33
CA ILE C 266 -7.17 -8.87 -27.70
C ILE C 266 -7.44 -9.46 -29.09
N SER C 267 -8.72 -9.55 -29.49
CA SER C 267 -9.10 -10.05 -30.83
C SER C 267 -8.70 -9.04 -31.89
N GLU C 268 -8.89 -7.75 -31.59
CA GLU C 268 -8.56 -6.64 -32.48
C GLU C 268 -7.06 -6.54 -32.68
N MET C 269 -6.27 -6.94 -31.67
CA MET C 269 -4.79 -7.03 -31.72
C MET C 269 -4.34 -8.11 -32.69
N TRP C 270 -4.83 -9.31 -32.49
CA TRP C 270 -4.61 -10.41 -33.42
C TRP C 270 -4.99 -10.06 -34.89
N ASP C 271 -6.07 -9.27 -35.10
CA ASP C 271 -6.48 -8.87 -36.44
C ASP C 271 -5.53 -7.88 -37.04
N LYS C 272 -5.00 -6.91 -36.25
CA LYS C 272 -4.00 -5.97 -36.79
C LYS C 272 -2.67 -6.74 -37.10
N MET C 273 -2.41 -7.82 -36.35
CA MET C 273 -1.23 -8.68 -36.55
C MET C 273 -1.33 -9.42 -37.87
N LYS C 274 -2.52 -10.00 -38.14
CA LYS C 274 -2.85 -10.66 -39.41
C LYS C 274 -2.84 -9.67 -40.58
N ASP C 275 -3.24 -8.41 -40.38
CA ASP C 275 -3.16 -7.37 -41.41
C ASP C 275 -1.72 -7.00 -41.79
N PHE C 276 -0.86 -6.83 -40.74
CA PHE C 276 0.57 -6.58 -40.88
C PHE C 276 1.16 -7.73 -41.71
N GLN C 277 0.88 -8.98 -41.32
CA GLN C 277 1.32 -10.17 -42.02
C GLN C 277 0.95 -10.13 -43.52
N ASP C 278 -0.33 -9.88 -43.82
CA ASP C 278 -0.87 -9.80 -45.19
C ASP C 278 -0.18 -8.76 -46.05
N LEU C 279 0.04 -7.52 -45.48
CA LEU C 279 0.72 -6.42 -46.14
C LEU C 279 2.20 -6.79 -46.46
N MET C 280 2.92 -7.35 -45.49
CA MET C 280 4.32 -7.78 -45.56
C MET C 280 4.54 -8.85 -46.59
N LEU C 281 3.57 -9.79 -46.72
CA LEU C 281 3.65 -10.77 -47.78
C LEU C 281 3.37 -10.12 -49.17
N ALA C 282 2.20 -9.49 -49.39
CA ALA C 282 1.83 -8.77 -50.62
C ALA C 282 2.94 -7.79 -51.14
N SER C 283 3.50 -6.97 -50.26
CA SER C 283 4.53 -5.98 -50.63
C SER C 283 5.91 -6.60 -50.93
N GLY C 284 6.13 -7.85 -50.48
CA GLY C 284 7.39 -8.59 -50.61
C GLY C 284 8.41 -8.24 -49.55
N GLU C 285 8.02 -7.38 -48.59
CA GLU C 285 8.85 -6.91 -47.48
C GLU C 285 9.19 -7.97 -46.44
N LEU C 286 8.32 -8.98 -46.27
CA LEU C 286 8.55 -10.09 -45.33
C LEU C 286 9.73 -10.95 -45.76
N THR C 287 9.75 -11.36 -47.04
CA THR C 287 10.82 -12.14 -47.61
C THR C 287 12.12 -11.37 -47.67
N ALA C 288 12.07 -10.08 -48.01
CA ALA C 288 13.23 -9.19 -48.05
C ALA C 288 13.88 -9.10 -46.70
N LYS C 289 13.06 -8.93 -45.65
CA LYS C 289 13.48 -8.85 -44.25
C LYS C 289 14.08 -10.20 -43.84
N ARG C 290 13.42 -11.33 -44.13
CA ARG C 290 13.92 -12.64 -43.79
C ARG C 290 15.26 -12.89 -44.46
N ARG C 291 15.40 -12.56 -45.78
CA ARG C 291 16.64 -12.67 -46.56
C ARG C 291 17.76 -11.93 -45.92
N LYS C 292 17.51 -10.71 -45.47
CA LYS C 292 18.49 -9.84 -44.82
C LYS C 292 18.96 -10.48 -43.52
N GLN C 293 18.01 -10.99 -42.73
CA GLN C 293 18.19 -11.62 -41.42
C GLN C 293 19.05 -12.90 -41.57
N GLN C 294 18.75 -13.71 -42.62
CA GLN C 294 19.41 -14.96 -42.96
C GLN C 294 20.86 -14.72 -43.28
N LYS C 295 21.14 -13.68 -44.11
CA LYS C 295 22.51 -13.29 -44.49
C LYS C 295 23.31 -12.98 -43.25
N VAL C 296 22.75 -12.18 -42.33
CA VAL C 296 23.44 -11.81 -41.09
C VAL C 296 23.74 -13.02 -40.23
N TRP C 297 22.79 -13.96 -40.10
CA TRP C 297 22.91 -15.18 -39.32
C TRP C 297 23.95 -16.13 -39.90
N MET C 298 23.85 -16.41 -41.21
CA MET C 298 24.80 -17.29 -41.92
C MET C 298 26.21 -16.76 -41.86
N TRP C 299 26.39 -15.46 -42.07
CA TRP C 299 27.70 -14.84 -41.96
C TRP C 299 28.32 -14.94 -40.55
N ASN C 300 27.54 -14.78 -39.50
CA ASN C 300 28.05 -14.91 -38.15
C ASN C 300 28.50 -16.34 -37.84
N LEU C 301 27.79 -17.36 -38.38
CA LEU C 301 28.16 -18.78 -38.22
C LEU C 301 29.49 -19.06 -38.94
N ILE C 302 29.65 -18.50 -40.18
CA ILE C 302 30.87 -18.64 -41.01
C ILE C 302 32.02 -17.86 -40.40
N GLN C 303 31.82 -16.61 -39.96
CA GLN C 303 32.97 -15.91 -39.37
C GLN C 303 33.47 -16.52 -38.07
N GLU C 304 32.58 -17.13 -37.29
CA GLU C 304 32.97 -17.80 -36.07
C GLU C 304 33.91 -18.99 -36.41
N SER C 305 33.61 -19.71 -37.53
CA SER C 305 34.40 -20.85 -38.03
C SER C 305 35.72 -20.39 -38.60
N VAL C 306 35.70 -19.25 -39.30
CA VAL C 306 36.91 -18.63 -39.86
C VAL C 306 37.88 -18.33 -38.72
N LEU C 307 37.39 -17.69 -37.62
CA LEU C 307 38.25 -17.38 -36.45
C LEU C 307 38.71 -18.58 -35.63
N GLU C 308 37.92 -19.71 -35.49
CA GLU C 308 38.40 -20.87 -34.74
C GLU C 308 39.56 -21.45 -35.49
N HIS C 309 39.43 -21.61 -36.80
CA HIS C 309 40.44 -22.18 -37.70
C HIS C 309 41.70 -21.32 -37.71
N PHE C 310 41.56 -20.02 -37.78
CA PHE C 310 42.64 -19.05 -37.77
C PHE C 310 43.42 -19.01 -36.44
N ARG C 311 42.70 -18.83 -35.28
CA ARG C 311 43.31 -18.71 -33.94
C ARG C 311 43.95 -20.01 -33.43
N THR C 312 43.66 -21.16 -34.10
CA THR C 312 44.25 -22.44 -33.70
C THR C 312 45.45 -22.86 -34.56
N HIS C 313 45.62 -22.26 -35.73
CA HIS C 313 46.71 -22.53 -36.67
C HIS C 313 48.05 -22.25 -35.97
N PRO C 314 48.98 -23.25 -35.94
CA PRO C 314 50.25 -23.07 -35.19
C PRO C 314 51.05 -21.79 -35.39
N THR C 315 51.04 -21.14 -36.56
CA THR C 315 51.84 -19.91 -36.72
C THR C 315 51.22 -18.74 -36.00
N VAL C 316 49.91 -18.59 -36.20
CA VAL C 316 49.04 -17.64 -35.51
C VAL C 316 49.14 -17.86 -33.96
N ARG C 317 48.89 -19.07 -33.46
CA ARG C 317 49.04 -19.33 -32.03
C ARG C 317 50.38 -18.83 -31.51
N GLU C 318 51.49 -19.26 -32.10
CA GLU C 318 52.88 -18.97 -31.74
C GLU C 318 53.21 -17.46 -31.70
N GLN C 319 52.66 -16.68 -32.63
CA GLN C 319 52.94 -15.24 -32.73
C GLN C 319 52.05 -14.33 -31.90
N ILE C 320 50.83 -14.75 -31.63
CA ILE C 320 49.85 -13.96 -30.87
C ILE C 320 50.39 -13.33 -29.53
N PRO C 321 51.06 -14.07 -28.62
CA PRO C 321 51.55 -13.44 -27.38
C PRO C 321 52.47 -12.27 -27.62
N LEU C 322 53.50 -12.44 -28.43
CA LEU C 322 54.46 -11.40 -28.77
C LEU C 322 53.77 -10.17 -29.39
N LEU C 323 52.80 -10.42 -30.26
CA LEU C 323 52.06 -9.41 -30.98
C LEU C 323 51.19 -8.53 -30.09
N GLU C 324 50.48 -9.13 -29.13
CA GLU C 324 49.66 -8.45 -28.12
C GLU C 324 50.56 -7.55 -27.26
N GLN C 325 51.77 -7.99 -26.94
CA GLN C 325 52.70 -7.18 -26.15
C GLN C 325 53.07 -5.93 -26.93
N LYS C 326 53.54 -6.09 -28.20
CA LYS C 326 53.91 -5.01 -29.13
C LYS C 326 52.80 -3.96 -29.31
N VAL C 327 51.53 -4.38 -29.41
CA VAL C 327 50.40 -3.47 -29.59
C VAL C 327 50.22 -2.57 -28.35
N LEU C 328 50.17 -3.18 -27.17
CA LEU C 328 49.97 -2.57 -25.88
C LEU C 328 51.08 -1.61 -25.46
N ILE C 329 52.32 -1.94 -25.77
CA ILE C 329 53.53 -1.16 -25.52
C ILE C 329 53.57 0.10 -26.51
N GLY C 330 52.64 0.10 -27.47
CA GLY C 330 52.47 1.11 -28.50
C GLY C 330 53.47 1.01 -29.62
N ALA C 331 54.13 -0.17 -29.78
CA ALA C 331 55.14 -0.43 -30.85
C ALA C 331 54.49 -0.82 -32.16
N LEU C 332 53.24 -1.19 -32.13
CA LEU C 332 52.51 -1.69 -33.30
C LEU C 332 51.00 -1.38 -33.19
N SER C 333 50.35 -1.18 -34.34
CA SER C 333 48.93 -0.91 -34.43
C SER C 333 48.18 -2.26 -34.61
N PRO C 334 46.91 -2.39 -34.18
CA PRO C 334 46.20 -3.66 -34.42
C PRO C 334 46.15 -4.10 -35.90
N GLY C 335 45.99 -3.13 -36.85
CA GLY C 335 45.93 -3.32 -38.29
C GLY C 335 47.22 -3.92 -38.84
N LEU C 336 48.37 -3.40 -38.41
CA LEU C 336 49.64 -3.96 -38.83
C LEU C 336 49.92 -5.35 -38.25
N ALA C 337 49.47 -5.58 -37.03
CA ALA C 337 49.59 -6.84 -36.29
C ALA C 337 48.70 -7.86 -36.97
N ALA C 338 47.52 -7.43 -37.45
CA ALA C 338 46.60 -8.27 -38.20
C ALA C 338 47.15 -8.61 -39.58
N ASP C 339 47.75 -7.64 -40.32
CA ASP C 339 48.37 -7.86 -41.63
C ASP C 339 49.44 -8.89 -41.54
N PHE C 340 50.31 -8.74 -40.54
CA PHE C 340 51.38 -9.67 -40.25
C PHE C 340 50.80 -11.08 -40.10
N LEU C 341 49.85 -11.32 -39.17
CA LEU C 341 49.19 -12.60 -38.93
C LEU C 341 48.56 -13.23 -40.17
N LEU C 342 47.81 -12.44 -40.95
CA LEU C 342 47.22 -12.91 -42.18
C LEU C 342 48.31 -13.40 -43.16
N LYS C 343 49.43 -12.65 -43.32
CA LYS C 343 50.56 -13.05 -44.18
C LYS C 343 51.20 -14.33 -43.66
N ALA C 344 51.46 -14.42 -42.32
CA ALA C 344 52.00 -15.60 -41.62
C ALA C 344 51.14 -16.86 -41.89
N PHE C 345 49.81 -16.74 -41.80
CA PHE C 345 48.84 -17.81 -42.07
C PHE C 345 48.99 -18.28 -43.55
N LYS C 346 48.98 -17.32 -44.52
CA LYS C 346 49.15 -17.56 -45.97
C LYS C 346 50.52 -18.26 -46.30
N SER C 347 51.64 -17.77 -45.70
CA SER C 347 52.99 -18.31 -45.87
C SER C 347 53.35 -19.31 -44.77
N ASP D 4 50.81 3.46 -51.26
CA ASP D 4 50.56 3.16 -49.85
C ASP D 4 51.79 2.64 -49.10
N HIS D 5 51.78 2.79 -47.77
CA HIS D 5 52.88 2.35 -46.92
C HIS D 5 52.65 1.26 -45.82
N THR D 6 51.54 1.23 -45.03
CA THR D 6 50.26 1.98 -45.02
C THR D 6 50.27 3.52 -44.99
N GLU D 7 49.46 4.08 -45.93
CA GLU D 7 49.17 5.48 -46.32
C GLU D 7 49.58 6.67 -45.43
N GLY D 8 49.20 6.67 -44.16
CA GLY D 8 49.53 7.76 -43.25
C GLY D 8 48.37 8.67 -42.88
N LEU D 9 48.70 9.93 -42.54
CA LEU D 9 47.74 10.93 -42.08
C LEU D 9 48.03 12.28 -42.75
N SER D 10 46.95 12.99 -43.17
CA SER D 10 47.08 14.31 -43.77
C SER D 10 47.73 15.19 -42.72
N ASP D 11 48.61 16.11 -43.10
CA ASP D 11 49.28 17.02 -42.14
C ASP D 11 48.28 17.77 -41.23
N LYS D 12 47.07 18.16 -41.75
CA LYS D 12 46.05 18.85 -40.95
C LYS D 12 45.40 17.91 -39.87
N GLU D 13 45.35 16.61 -40.17
CA GLU D 13 44.85 15.55 -39.26
C GLU D 13 45.93 15.28 -38.21
N GLN D 14 47.23 15.27 -38.65
CA GLN D 14 48.39 15.05 -37.77
C GLN D 14 48.59 16.19 -36.80
N ARG D 15 48.20 17.42 -37.18
CA ARG D 15 48.28 18.60 -36.32
C ARG D 15 47.17 18.49 -35.29
N PHE D 16 46.00 17.99 -35.74
CA PHE D 16 44.82 17.84 -34.90
C PHE D 16 45.06 16.86 -33.76
N VAL D 17 45.53 15.63 -34.11
CA VAL D 17 45.87 14.57 -33.14
C VAL D 17 46.91 15.09 -32.14
N ASP D 18 48.01 15.75 -32.62
CA ASP D 18 49.06 16.33 -31.76
C ASP D 18 48.53 17.37 -30.76
N LYS D 19 47.58 18.22 -31.19
CA LYS D 19 46.96 19.23 -30.33
C LYS D 19 46.11 18.55 -29.26
N LEU D 20 45.32 17.56 -29.69
CA LEU D 20 44.44 16.74 -28.83
C LEU D 20 45.24 15.97 -27.77
N TYR D 21 46.39 15.36 -28.21
CA TYR D 21 47.35 14.63 -27.42
C TYR D 21 47.99 15.49 -26.30
N THR D 22 48.53 16.67 -26.70
CA THR D 22 49.19 17.64 -25.78
C THR D 22 48.20 18.17 -24.75
N GLY D 23 47.00 18.60 -25.15
CA GLY D 23 45.94 19.06 -24.25
C GLY D 23 45.41 17.96 -23.32
N LEU D 24 45.48 16.71 -23.78
CA LEU D 24 45.08 15.58 -22.95
C LEU D 24 46.05 15.40 -21.78
N ILE D 25 47.33 15.12 -22.12
CA ILE D 25 48.43 14.85 -21.19
C ILE D 25 48.72 16.03 -20.24
N GLN D 26 48.38 17.29 -20.67
CA GLN D 26 48.48 18.50 -19.84
C GLN D 26 47.31 18.63 -18.86
N GLY D 27 46.28 17.77 -18.98
CA GLY D 27 45.10 17.72 -18.13
C GLY D 27 43.88 18.53 -18.52
N GLN D 28 43.82 19.15 -19.76
CA GLN D 28 42.65 19.94 -20.22
C GLN D 28 41.41 19.07 -20.43
N ARG D 29 40.36 19.27 -19.59
CA ARG D 29 39.08 18.52 -19.56
C ARG D 29 38.37 18.43 -20.91
N ALA D 30 38.44 19.49 -21.76
CA ALA D 30 37.79 19.50 -23.09
C ALA D 30 38.49 18.58 -24.11
N CYS D 31 39.83 18.49 -24.02
CA CYS D 31 40.68 17.69 -24.87
C CYS D 31 40.48 16.20 -24.54
N LEU D 32 40.25 15.88 -23.26
CA LEU D 32 39.93 14.51 -22.84
C LEU D 32 38.54 14.18 -23.35
N ALA D 33 37.58 15.11 -23.18
CA ALA D 33 36.21 14.94 -23.65
C ALA D 33 36.13 14.68 -25.15
N GLU D 34 36.88 15.47 -25.98
CA GLU D 34 36.95 15.32 -27.44
C GLU D 34 37.60 14.01 -27.82
N ALA D 35 38.67 13.60 -27.14
CA ALA D 35 39.39 12.35 -27.31
C ALA D 35 38.47 11.14 -27.07
N ILE D 36 37.61 11.18 -26.03
CA ILE D 36 36.71 10.06 -25.79
C ILE D 36 35.65 10.00 -26.92
N THR D 37 35.13 11.17 -27.32
CA THR D 37 34.19 11.24 -28.42
C THR D 37 34.87 10.68 -29.70
N LEU D 38 36.19 11.03 -29.91
CA LEU D 38 36.94 10.56 -31.08
C LEU D 38 37.09 9.02 -31.13
N VAL D 39 37.36 8.40 -29.98
CA VAL D 39 37.48 6.95 -29.82
C VAL D 39 36.13 6.22 -30.00
N GLU D 40 35.04 6.87 -29.64
CA GLU D 40 33.67 6.36 -29.71
C GLU D 40 33.07 6.38 -31.10
N SER D 41 33.65 7.17 -32.03
CA SER D 41 33.18 7.32 -33.41
C SER D 41 33.24 6.04 -34.21
N THR D 42 32.24 5.82 -35.07
CA THR D 42 32.16 4.67 -35.98
C THR D 42 32.62 4.96 -37.44
N HIS D 43 32.92 6.25 -37.78
CA HIS D 43 33.39 6.63 -39.11
C HIS D 43 34.84 6.24 -39.32
N SER D 44 35.11 5.67 -40.51
CA SER D 44 36.43 5.12 -40.88
C SER D 44 37.63 6.07 -40.70
N ARG D 45 37.51 7.36 -41.14
CA ARG D 45 38.60 8.34 -40.98
C ARG D 45 38.79 8.69 -39.51
N LYS D 46 37.68 8.81 -38.75
CA LYS D 46 37.73 9.08 -37.31
C LYS D 46 38.37 7.96 -36.52
N LYS D 47 38.14 6.68 -36.94
CA LYS D 47 38.76 5.49 -36.32
C LYS D 47 40.28 5.46 -36.61
N GLU D 48 40.71 5.97 -37.80
CA GLU D 48 42.14 6.05 -38.17
C GLU D 48 42.89 7.06 -37.29
N LEU D 49 42.22 8.20 -36.96
CA LEU D 49 42.73 9.27 -36.09
C LEU D 49 42.78 8.83 -34.64
N ALA D 50 41.71 8.11 -34.18
CA ALA D 50 41.60 7.57 -32.84
C ALA D 50 42.73 6.60 -32.59
N GLN D 51 43.03 5.71 -33.57
CA GLN D 51 44.10 4.73 -33.43
C GLN D 51 45.45 5.38 -33.27
N VAL D 52 45.77 6.35 -34.13
CA VAL D 52 47.04 7.11 -34.03
C VAL D 52 47.13 7.75 -32.63
N LEU D 53 46.08 8.48 -32.18
CA LEU D 53 46.04 9.11 -30.85
C LEU D 53 46.27 8.11 -29.74
N LEU D 54 45.53 6.97 -29.76
CA LEU D 54 45.66 5.91 -28.75
C LEU D 54 47.04 5.32 -28.71
N GLN D 55 47.72 5.16 -29.88
CA GLN D 55 49.09 4.68 -29.92
C GLN D 55 50.07 5.66 -29.28
N LYS D 56 49.85 6.97 -29.50
CA LYS D 56 50.67 8.00 -28.83
C LYS D 56 50.45 7.93 -27.29
N VAL D 57 49.18 7.79 -26.83
CA VAL D 57 48.85 7.66 -25.40
C VAL D 57 49.37 6.35 -24.78
N LEU D 58 49.42 5.26 -25.55
CA LEU D 58 49.96 3.97 -25.10
C LEU D 58 51.45 4.09 -24.80
N LEU D 59 52.20 4.81 -25.66
CA LEU D 59 53.63 5.06 -25.47
C LEU D 59 53.88 5.96 -24.27
N TYR D 60 53.07 7.01 -24.08
CA TYR D 60 53.22 7.94 -22.95
C TYR D 60 52.85 7.27 -21.66
N HIS D 61 51.77 6.48 -21.65
CA HIS D 61 51.31 5.71 -20.51
C HIS D 61 52.44 4.82 -19.98
N ARG D 62 53.20 4.17 -20.92
CA ARG D 62 54.36 3.34 -20.61
C ARG D 62 55.50 4.15 -20.02
N GLU D 63 55.75 5.35 -20.54
CA GLU D 63 56.77 6.28 -20.01
C GLU D 63 56.41 6.65 -18.58
N GLN D 64 55.13 7.03 -18.32
CA GLN D 64 54.59 7.40 -17.02
C GLN D 64 54.82 6.29 -16.00
N GLU D 65 54.47 5.00 -16.37
CA GLU D 65 54.64 3.84 -15.48
C GLU D 65 56.11 3.53 -15.15
N GLN D 66 57.01 3.81 -16.09
CA GLN D 66 58.45 3.63 -15.90
C GLN D 66 59.04 4.72 -15.01
N SER D 67 58.48 5.95 -15.11
CA SER D 67 58.89 7.07 -14.27
C SER D 67 58.18 7.05 -12.87
N ASN D 68 57.45 5.94 -12.59
CA ASN D 68 56.73 5.65 -11.36
C ASN D 68 57.20 4.28 -10.83
N LYS D 69 58.41 3.85 -11.30
CA LYS D 69 59.10 2.61 -10.95
C LYS D 69 58.25 1.32 -11.18
N GLY D 70 57.58 1.26 -12.35
CA GLY D 70 56.77 0.12 -12.76
C GLY D 70 55.42 -0.05 -12.08
N LYS D 71 55.18 0.76 -11.04
CA LYS D 71 53.95 0.77 -10.20
C LYS D 71 52.78 1.47 -10.99
N PRO D 72 51.52 0.94 -10.91
CA PRO D 72 50.40 1.56 -11.63
C PRO D 72 50.08 2.94 -11.12
N LEU D 73 49.58 3.80 -12.01
CA LEU D 73 49.27 5.20 -11.72
C LEU D 73 47.82 5.46 -11.34
N ALA D 74 46.88 4.54 -11.69
CA ALA D 74 45.50 4.66 -11.30
C ALA D 74 44.93 3.35 -10.78
N PHE D 75 44.01 3.51 -9.85
CA PHE D 75 43.24 2.42 -9.30
C PHE D 75 41.91 2.41 -10.15
N ARG D 76 41.63 1.29 -10.86
CA ARG D 76 40.38 1.16 -11.62
C ARG D 76 39.34 0.36 -10.86
N VAL D 77 38.23 0.99 -10.60
CA VAL D 77 37.11 0.40 -9.85
C VAL D 77 35.87 0.23 -10.78
N GLY D 78 35.22 -0.89 -10.63
CA GLY D 78 33.98 -1.21 -11.30
C GLY D 78 32.86 -1.19 -10.29
N LEU D 79 31.79 -0.47 -10.60
CA LEU D 79 30.64 -0.30 -9.76
C LEU D 79 29.36 -0.70 -10.50
N SER D 80 28.58 -1.62 -9.94
CA SER D 80 27.33 -2.04 -10.54
C SER D 80 26.26 -2.28 -9.52
N GLY D 81 25.02 -2.32 -10.00
CA GLY D 81 23.85 -2.60 -9.19
C GLY D 81 22.55 -2.41 -9.94
N PRO D 82 21.42 -2.92 -9.37
CA PRO D 82 20.10 -2.71 -10.02
C PRO D 82 19.69 -1.23 -10.06
N PRO D 83 18.71 -0.82 -10.91
CA PRO D 83 18.25 0.60 -10.87
C PRO D 83 17.59 0.88 -9.52
N GLY D 84 17.91 2.03 -8.93
CA GLY D 84 17.38 2.39 -7.62
C GLY D 84 18.19 1.91 -6.43
N ALA D 85 19.32 1.17 -6.65
CA ALA D 85 20.20 0.66 -5.60
C ALA D 85 20.77 1.83 -4.79
N GLY D 86 21.02 2.98 -5.48
CA GLY D 86 21.57 4.19 -4.89
C GLY D 86 22.93 4.57 -5.43
N LYS D 87 23.27 4.10 -6.64
CA LYS D 87 24.54 4.33 -7.34
C LYS D 87 24.92 5.79 -7.60
N SER D 88 24.03 6.55 -8.23
CA SER D 88 24.14 8.01 -8.49
C SER D 88 24.40 8.78 -7.20
N THR D 89 23.58 8.54 -6.15
CA THR D 89 23.65 9.17 -4.83
C THR D 89 25.00 8.85 -4.15
N PHE D 90 25.47 7.59 -4.31
CA PHE D 90 26.70 7.08 -3.72
C PHE D 90 27.91 7.73 -4.41
N ILE D 91 27.92 7.72 -5.75
CA ILE D 91 29.02 8.28 -6.54
C ILE D 91 29.23 9.73 -6.15
N GLU D 92 28.15 10.48 -6.04
CA GLU D 92 28.19 11.91 -5.66
C GLU D 92 28.87 12.16 -4.28
N TYR D 93 28.48 11.38 -3.26
CA TYR D 93 29.03 11.44 -1.90
C TYR D 93 30.49 10.99 -1.88
N PHE D 94 30.78 9.77 -2.39
CA PHE D 94 32.11 9.13 -2.52
C PHE D 94 33.08 9.92 -3.40
N GLY D 95 32.62 10.50 -4.50
CA GLY D 95 33.47 11.31 -5.37
C GLY D 95 33.91 12.61 -4.74
N LYS D 96 33.01 13.26 -3.96
CA LYS D 96 33.37 14.50 -3.25
C LYS D 96 34.36 14.17 -2.13
N MET D 97 34.15 13.05 -1.42
CA MET D 97 35.07 12.56 -0.42
C MET D 97 36.50 12.33 -0.99
N LEU D 98 36.66 11.73 -2.22
CA LEU D 98 37.96 11.45 -2.81
C LEU D 98 38.70 12.66 -3.33
N THR D 99 38.00 13.59 -4.01
CA THR D 99 38.55 14.82 -4.65
C THR D 99 39.02 15.80 -3.61
N GLU D 100 38.35 15.78 -2.44
CA GLU D 100 38.63 16.59 -1.24
C GLU D 100 39.91 16.06 -0.57
N ARG D 101 40.22 14.74 -0.74
CA ARG D 101 41.44 14.04 -0.29
C ARG D 101 42.59 14.10 -1.32
N GLY D 102 42.48 14.96 -2.33
CA GLY D 102 43.56 15.17 -3.30
C GLY D 102 43.55 14.41 -4.61
N HIS D 103 42.60 13.49 -4.79
CA HIS D 103 42.53 12.66 -5.99
C HIS D 103 41.86 13.36 -7.19
N LYS D 104 42.26 12.96 -8.40
CA LYS D 104 41.70 13.37 -9.70
C LYS D 104 40.95 12.14 -10.17
N LEU D 105 39.63 12.21 -10.08
CA LEU D 105 38.69 11.10 -10.35
C LEU D 105 37.94 11.21 -11.68
N SER D 106 37.82 10.10 -12.46
CA SER D 106 37.02 9.94 -13.67
C SER D 106 35.90 8.98 -13.38
N VAL D 107 34.68 9.33 -13.80
CA VAL D 107 33.50 8.50 -13.67
C VAL D 107 33.03 8.29 -15.12
N LEU D 108 33.05 7.04 -15.58
CA LEU D 108 32.63 6.65 -16.93
C LEU D 108 31.45 5.71 -16.82
N ALA D 109 30.24 6.13 -17.21
CA ALA D 109 29.08 5.25 -17.15
C ALA D 109 29.00 4.46 -18.45
N VAL D 110 28.63 3.19 -18.33
CA VAL D 110 28.42 2.28 -19.45
C VAL D 110 27.04 1.62 -19.31
N ASP D 111 26.13 1.81 -20.32
CA ASP D 111 24.75 1.27 -20.36
C ASP D 111 24.33 0.52 -21.62
N PRO D 112 24.24 -0.82 -21.58
CA PRO D 112 23.09 -1.50 -22.26
C PRO D 112 21.63 -1.52 -21.69
N SER D 113 21.43 -1.21 -20.36
CA SER D 113 20.12 -1.21 -19.61
C SER D 113 19.43 0.18 -19.55
N THR D 129 24.54 17.29 -11.07
CA THR D 129 24.94 17.02 -9.68
C THR D 129 26.03 18.00 -9.15
N GLU D 130 26.41 17.86 -7.86
CA GLU D 130 27.43 18.70 -7.21
C GLU D 130 28.84 18.31 -7.69
N LEU D 131 29.01 17.02 -8.10
CA LEU D 131 30.24 16.40 -8.60
C LEU D 131 30.57 16.92 -10.00
N SER D 132 29.55 17.28 -10.78
CA SER D 132 29.69 17.87 -12.12
C SER D 132 30.29 19.29 -12.04
N ARG D 133 30.15 19.94 -10.89
CA ARG D 133 30.73 21.26 -10.69
C ARG D 133 32.21 21.13 -10.26
N ASP D 134 32.64 19.91 -9.79
CA ASP D 134 33.98 19.64 -9.27
C ASP D 134 35.05 19.63 -10.32
N MET D 135 35.99 20.61 -10.23
CA MET D 135 37.11 20.80 -11.16
C MET D 135 38.10 19.62 -11.18
N ASN D 136 38.14 18.83 -10.08
CA ASN D 136 39.00 17.67 -9.92
C ASN D 136 38.37 16.34 -10.34
N ALA D 137 37.06 16.35 -10.70
CA ALA D 137 36.31 15.18 -11.24
C ALA D 137 36.01 15.36 -12.71
N TYR D 138 36.05 14.26 -13.50
CA TYR D 138 35.58 14.21 -14.87
C TYR D 138 34.44 13.21 -14.92
N ILE D 139 33.23 13.65 -15.23
CA ILE D 139 32.07 12.76 -15.35
C ILE D 139 31.61 12.71 -16.80
N ARG D 140 31.68 11.51 -17.41
CA ARG D 140 31.28 11.29 -18.78
C ARG D 140 29.97 10.49 -18.86
N PRO D 141 28.96 11.03 -19.60
CA PRO D 141 27.70 10.29 -19.81
C PRO D 141 27.82 8.93 -20.48
N SER D 142 26.80 8.12 -20.22
CA SER D 142 26.55 6.73 -20.63
C SER D 142 27.09 6.13 -21.97
N PRO D 143 27.03 6.77 -23.19
CA PRO D 143 27.51 6.06 -24.41
C PRO D 143 29.00 5.75 -24.46
N THR D 152 31.02 -1.53 -24.04
CA THR D 152 32.31 -1.82 -23.42
C THR D 152 33.41 -1.84 -24.47
N ARG D 153 33.02 -1.65 -25.80
CA ARG D 153 33.92 -1.67 -26.97
C ARG D 153 35.09 -0.67 -26.84
N THR D 154 34.78 0.52 -26.28
CA THR D 154 35.76 1.60 -26.09
C THR D 154 36.10 1.94 -24.64
N THR D 155 35.61 1.16 -23.66
CA THR D 155 35.85 1.40 -22.24
C THR D 155 37.30 1.36 -21.85
N ASN D 156 38.04 0.40 -22.35
CA ASN D 156 39.48 0.32 -22.12
C ASN D 156 40.25 1.49 -22.66
N GLU D 157 39.84 1.99 -23.81
CA GLU D 157 40.43 3.11 -24.53
C GLU D 157 40.20 4.36 -23.73
N ALA D 158 38.97 4.54 -23.18
CA ALA D 158 38.56 5.67 -22.29
C ALA D 158 39.35 5.66 -20.96
N ILE D 159 39.53 4.46 -20.35
CA ILE D 159 40.35 4.28 -19.13
C ILE D 159 41.78 4.78 -19.39
N LEU D 160 42.39 4.36 -20.49
CA LEU D 160 43.73 4.73 -20.90
C LEU D 160 43.83 6.25 -21.16
N LEU D 161 42.85 6.84 -21.84
CA LEU D 161 42.82 8.30 -22.07
C LEU D 161 42.80 9.07 -20.75
N CYS D 162 41.96 8.64 -19.77
CA CYS D 162 41.89 9.20 -18.43
C CYS D 162 43.20 9.08 -17.65
N GLU D 163 43.85 7.90 -17.68
CA GLU D 163 45.15 7.68 -17.01
C GLU D 163 46.22 8.55 -17.67
N GLY D 164 46.16 8.68 -19.01
CA GLY D 164 47.01 9.57 -19.81
C GLY D 164 46.86 11.04 -19.39
N ALA D 165 45.60 11.47 -19.12
CA ALA D 165 45.23 12.80 -18.67
C ALA D 165 45.67 13.11 -17.23
N GLY D 166 46.05 12.11 -16.44
CA GLY D 166 46.52 12.31 -15.05
C GLY D 166 45.57 11.90 -13.93
N TYR D 167 44.45 11.27 -14.24
CA TYR D 167 43.48 10.80 -13.24
C TYR D 167 44.05 9.54 -12.54
N ASP D 168 43.89 9.49 -11.22
CA ASP D 168 44.41 8.39 -10.39
C ASP D 168 43.30 7.45 -9.87
N ILE D 169 42.04 7.79 -10.09
CA ILE D 169 40.92 6.94 -9.72
C ILE D 169 39.95 6.94 -10.87
N ILE D 170 39.78 5.75 -11.46
CA ILE D 170 38.90 5.53 -12.57
C ILE D 170 37.74 4.67 -12.09
N LEU D 171 36.52 5.20 -12.19
CA LEU D 171 35.34 4.53 -11.74
C LEU D 171 34.45 4.25 -12.93
N ILE D 172 34.13 2.98 -13.13
CA ILE D 172 33.27 2.55 -14.22
C ILE D 172 31.97 2.13 -13.63
N GLU D 173 30.93 2.89 -13.93
CA GLU D 173 29.57 2.66 -13.45
C GLU D 173 28.71 1.92 -14.51
N THR D 174 27.99 0.88 -14.10
CA THR D 174 27.12 0.08 -14.94
C THR D 174 25.85 -0.26 -14.19
N VAL D 175 24.86 -0.81 -14.89
CA VAL D 175 23.57 -1.14 -14.25
C VAL D 175 23.16 -2.53 -14.60
N GLY D 176 22.78 -3.30 -13.61
CA GLY D 176 22.46 -4.70 -13.80
C GLY D 176 23.29 -5.67 -12.98
N VAL D 177 22.95 -6.95 -13.16
CA VAL D 177 23.50 -8.11 -12.46
C VAL D 177 23.57 -9.23 -13.55
N GLY D 178 24.11 -8.83 -14.73
CA GLY D 178 24.21 -9.66 -15.93
C GLY D 178 25.47 -9.63 -16.80
N GLN D 179 25.25 -9.46 -18.13
CA GLN D 179 26.24 -9.54 -19.22
C GLN D 179 27.20 -8.38 -19.31
N SER D 180 26.72 -7.11 -19.51
CA SER D 180 27.55 -5.89 -19.56
C SER D 180 28.35 -5.69 -18.25
N GLU D 181 27.76 -6.11 -17.11
CA GLU D 181 28.35 -6.11 -15.77
C GLU D 181 29.57 -7.06 -15.70
N PHE D 182 29.53 -8.19 -16.42
CA PHE D 182 30.65 -9.15 -16.49
C PHE D 182 31.84 -8.59 -17.30
N ALA D 183 31.55 -7.81 -18.36
CA ALA D 183 32.57 -7.18 -19.18
C ALA D 183 33.31 -6.11 -18.34
N VAL D 184 32.58 -5.38 -17.49
CA VAL D 184 33.14 -4.35 -16.59
C VAL D 184 34.12 -4.98 -15.59
N ALA D 185 33.71 -6.09 -14.92
CA ALA D 185 34.54 -6.84 -13.98
C ALA D 185 35.91 -7.19 -14.59
N ASP D 186 35.97 -7.39 -15.91
CA ASP D 186 37.16 -7.69 -16.68
C ASP D 186 37.89 -6.49 -17.21
N MET D 187 37.59 -5.29 -16.76
CA MET D 187 38.29 -4.11 -17.25
C MET D 187 38.88 -3.29 -16.10
N VAL D 188 38.48 -3.60 -14.85
CA VAL D 188 38.82 -2.92 -13.58
C VAL D 188 39.74 -3.76 -12.69
N ASP D 189 40.25 -3.16 -11.59
CA ASP D 189 41.16 -3.83 -10.65
C ASP D 189 40.30 -4.50 -9.53
N MET D 190 39.20 -3.84 -9.14
CA MET D 190 38.24 -4.19 -8.12
C MET D 190 36.79 -3.96 -8.62
N PHE D 191 35.95 -4.99 -8.46
CA PHE D 191 34.53 -5.00 -8.77
C PHE D 191 33.68 -4.87 -7.47
N VAL D 192 32.86 -3.83 -7.42
CA VAL D 192 32.04 -3.52 -6.27
C VAL D 192 30.54 -3.56 -6.70
N LEU D 193 29.72 -4.29 -5.91
CA LEU D 193 28.28 -4.39 -6.13
C LEU D 193 27.50 -3.58 -5.11
N LEU D 194 26.58 -2.71 -5.58
CA LEU D 194 25.65 -1.95 -4.74
C LEU D 194 24.30 -2.64 -4.77
N LEU D 195 23.95 -3.34 -3.69
CA LEU D 195 22.69 -4.09 -3.62
C LEU D 195 21.71 -3.48 -2.62
N PRO D 196 20.48 -3.15 -3.01
CA PRO D 196 19.55 -2.51 -2.05
C PRO D 196 19.05 -3.39 -0.88
N PRO D 197 18.54 -2.82 0.24
CA PRO D 197 18.06 -3.65 1.35
C PRO D 197 16.65 -4.24 1.14
N ALA D 198 15.77 -3.56 0.39
CA ALA D 198 14.42 -4.02 0.13
C ALA D 198 14.19 -4.41 -1.35
N ILE D 206 16.54 -12.15 -5.72
CA ILE D 206 17.36 -13.27 -5.23
C ILE D 206 18.56 -13.60 -6.15
N LYS D 207 19.73 -12.91 -5.92
CA LYS D 207 21.02 -13.00 -6.65
C LYS D 207 21.74 -14.35 -6.39
N ARG D 208 22.60 -14.81 -7.36
CA ARG D 208 23.28 -16.12 -7.21
C ARG D 208 24.69 -16.44 -7.83
N GLY D 209 25.18 -15.85 -8.93
CA GLY D 209 24.75 -14.68 -9.69
C GLY D 209 26.01 -13.90 -10.02
N ILE D 210 25.96 -12.52 -9.99
CA ILE D 210 27.18 -11.71 -10.23
C ILE D 210 27.97 -11.54 -8.91
N ILE D 211 27.39 -12.07 -7.81
CA ILE D 211 27.97 -12.11 -6.49
C ILE D 211 29.31 -12.88 -6.49
N GLU D 212 29.48 -13.77 -7.47
CA GLU D 212 30.65 -14.62 -7.76
C GLU D 212 31.85 -13.76 -8.19
N MET D 213 31.63 -12.64 -8.92
CA MET D 213 32.64 -11.74 -9.45
C MET D 213 32.91 -10.49 -8.57
N ALA D 214 32.17 -10.31 -7.47
CA ALA D 214 32.25 -9.16 -6.57
C ALA D 214 33.36 -9.28 -5.55
N ASP D 215 34.23 -8.24 -5.51
CA ASP D 215 35.36 -8.08 -4.58
C ASP D 215 34.88 -7.50 -3.27
N LEU D 216 33.77 -6.75 -3.35
CA LEU D 216 33.14 -6.09 -2.23
C LEU D 216 31.67 -5.91 -2.60
N VAL D 217 30.80 -6.15 -1.65
CA VAL D 217 29.38 -5.94 -1.79
C VAL D 217 28.97 -4.88 -0.78
N ALA D 218 28.32 -3.79 -1.26
CA ALA D 218 27.75 -2.74 -0.38
C ALA D 218 26.20 -2.86 -0.34
N VAL D 219 25.67 -3.14 0.84
CA VAL D 219 24.20 -3.17 1.02
C VAL D 219 23.80 -1.69 1.32
N THR D 220 23.16 -1.05 0.32
CA THR D 220 22.81 0.38 0.29
C THR D 220 21.60 0.76 1.15
N LYS D 221 21.39 2.08 1.40
CA LYS D 221 20.24 2.58 2.21
C LYS D 221 20.11 1.96 3.63
N SER D 222 21.26 1.65 4.28
CA SER D 222 21.25 1.10 5.65
C SER D 222 20.99 2.20 6.70
N ASP D 223 19.83 2.87 6.54
CA ASP D 223 19.37 3.99 7.36
C ASP D 223 17.88 3.87 7.66
N GLY D 224 17.46 4.49 8.74
CA GLY D 224 16.07 4.55 9.15
C GLY D 224 15.47 3.19 9.41
N ASP D 225 14.34 2.92 8.77
CA ASP D 225 13.70 1.64 9.02
C ASP D 225 14.13 0.54 8.08
N LEU D 226 15.24 0.77 7.37
CA LEU D 226 15.83 -0.20 6.45
C LEU D 226 17.11 -0.74 7.03
N ILE D 227 17.44 -0.39 8.28
CA ILE D 227 18.68 -0.87 8.94
C ILE D 227 18.59 -2.38 9.18
N VAL D 228 17.45 -2.83 9.76
CA VAL D 228 17.14 -4.23 10.07
C VAL D 228 17.11 -5.07 8.79
N PRO D 229 16.31 -4.75 7.75
CA PRO D 229 16.40 -5.54 6.50
C PRO D 229 17.80 -5.61 5.91
N ALA D 230 18.57 -4.48 5.97
CA ALA D 230 19.94 -4.35 5.46
C ALA D 230 20.89 -5.29 6.23
N ARG D 231 20.73 -5.38 7.57
CA ARG D 231 21.52 -6.29 8.40
C ARG D 231 21.22 -7.75 8.01
N ARG D 232 19.93 -8.05 7.73
CA ARG D 232 19.45 -9.37 7.32
C ARG D 232 19.98 -9.78 5.93
N ILE D 233 19.83 -8.86 4.92
CA ILE D 233 20.34 -9.01 3.54
C ILE D 233 21.88 -9.21 3.53
N GLN D 234 22.61 -8.47 4.39
CA GLN D 234 24.04 -8.58 4.57
C GLN D 234 24.45 -9.98 5.03
N ALA D 235 23.78 -10.49 6.09
CA ALA D 235 23.99 -11.85 6.64
C ALA D 235 23.82 -12.93 5.55
N GLU D 236 22.80 -12.77 4.69
CA GLU D 236 22.52 -13.66 3.56
C GLU D 236 23.70 -13.68 2.52
N TYR D 237 24.23 -12.51 2.17
CA TYR D 237 25.35 -12.40 1.24
C TYR D 237 26.64 -12.90 1.85
N VAL D 238 26.91 -12.61 3.14
CA VAL D 238 28.08 -13.17 3.83
C VAL D 238 27.93 -14.71 3.77
N SER D 239 26.71 -15.24 4.04
CA SER D 239 26.43 -16.67 3.99
C SER D 239 26.69 -17.26 2.58
N ALA D 240 26.19 -16.59 1.52
CA ALA D 240 26.36 -17.00 0.13
C ALA D 240 27.84 -17.12 -0.28
N LEU D 241 28.68 -16.08 0.01
CA LEU D 241 30.14 -16.04 -0.24
C LEU D 241 30.89 -17.14 0.44
N LYS D 242 30.48 -17.50 1.67
CA LYS D 242 31.16 -18.52 2.48
C LYS D 242 31.13 -19.87 1.80
N LEU D 243 30.22 -20.03 0.77
CA LEU D 243 29.99 -21.24 -0.01
C LEU D 243 30.79 -21.29 -1.30
N LEU D 244 31.04 -20.13 -1.93
CA LEU D 244 31.83 -19.93 -3.17
C LEU D 244 33.34 -20.24 -2.98
N ARG D 245 34.02 -20.71 -4.05
CA ARG D 245 35.49 -20.94 -3.99
C ARG D 245 36.21 -19.64 -4.37
N LYS D 246 37.26 -19.32 -3.58
CA LYS D 246 38.06 -18.08 -3.64
C LYS D 246 38.80 -17.79 -4.96
N ARG D 247 38.52 -16.63 -5.56
CA ARG D 247 39.15 -16.10 -6.80
C ARG D 247 40.54 -15.53 -6.50
N SER D 248 40.90 -15.34 -5.24
CA SER D 248 42.19 -14.79 -4.81
C SER D 248 42.77 -15.58 -3.64
N GLN D 249 44.09 -15.66 -3.60
CA GLN D 249 44.78 -16.31 -2.47
C GLN D 249 44.85 -15.33 -1.22
N VAL D 250 44.67 -14.02 -1.42
CA VAL D 250 44.82 -12.98 -0.41
C VAL D 250 43.58 -12.17 -0.02
N TRP D 251 42.58 -12.17 -0.90
CA TRP D 251 41.37 -11.40 -0.60
C TRP D 251 40.15 -12.24 -0.42
N LYS D 252 39.39 -11.97 0.64
CA LYS D 252 38.10 -12.57 0.97
C LYS D 252 37.01 -11.46 0.75
N PRO D 253 36.13 -11.63 -0.25
CA PRO D 253 35.08 -10.61 -0.47
C PRO D 253 34.27 -10.25 0.77
N LYS D 254 34.15 -8.96 1.02
CA LYS D 254 33.44 -8.42 2.20
C LYS D 254 32.07 -7.90 1.80
N VAL D 255 31.12 -7.96 2.76
CA VAL D 255 29.76 -7.43 2.64
C VAL D 255 29.63 -6.38 3.71
N ILE D 256 29.54 -5.12 3.29
CA ILE D 256 29.40 -3.96 4.18
C ILE D 256 28.02 -3.30 3.94
N ARG D 257 27.56 -2.52 4.92
CA ARG D 257 26.32 -1.77 4.81
C ARG D 257 26.66 -0.29 4.70
N ILE D 258 26.07 0.41 3.76
CA ILE D 258 26.38 1.82 3.58
C ILE D 258 25.10 2.63 3.55
N SER D 259 25.21 3.94 3.70
CA SER D 259 24.09 4.88 3.55
C SER D 259 24.68 6.25 3.10
N ALA D 260 24.54 6.65 1.83
CA ALA D 260 24.99 7.95 1.34
C ALA D 260 24.19 9.07 2.05
N ARG D 261 23.03 8.68 2.64
CA ARG D 261 22.13 9.59 3.36
C ARG D 261 22.74 9.92 4.70
N SER D 262 23.16 8.90 5.48
CA SER D 262 23.78 9.14 6.80
C SER D 262 25.29 9.17 6.79
N GLY D 263 25.92 8.72 5.70
CA GLY D 263 27.37 8.62 5.54
C GLY D 263 27.91 7.30 6.05
N GLU D 264 27.08 6.50 6.77
CA GLU D 264 27.45 5.20 7.36
C GLU D 264 28.19 4.29 6.39
N GLY D 265 29.30 3.72 6.86
CA GLY D 265 30.12 2.76 6.13
C GLY D 265 30.93 3.24 4.94
N ILE D 266 30.70 4.47 4.47
CA ILE D 266 31.38 5.04 3.29
C ILE D 266 32.93 5.21 3.43
N SER D 267 33.39 5.67 4.60
CA SER D 267 34.82 5.79 4.92
C SER D 267 35.45 4.40 5.06
N GLU D 268 34.74 3.49 5.71
CA GLU D 268 35.18 2.12 5.93
C GLU D 268 35.27 1.37 4.62
N MET D 269 34.39 1.70 3.66
CA MET D 269 34.37 1.13 2.30
C MET D 269 35.65 1.53 1.56
N TRP D 270 35.90 2.84 1.48
CA TRP D 270 37.13 3.37 0.91
C TRP D 270 38.41 2.73 1.53
N ASP D 271 38.41 2.46 2.85
CA ASP D 271 39.54 1.82 3.53
C ASP D 271 39.71 0.37 3.10
N LYS D 272 38.63 -0.40 2.98
CA LYS D 272 38.74 -1.78 2.49
C LYS D 272 39.21 -1.78 1.00
N MET D 273 38.85 -0.70 0.23
CA MET D 273 39.26 -0.52 -1.17
C MET D 273 40.74 -0.33 -1.30
N LYS D 274 41.27 0.55 -0.46
CA LYS D 274 42.73 0.79 -0.31
C LYS D 274 43.49 -0.46 0.20
N ASP D 275 42.88 -1.30 1.05
CA ASP D 275 43.44 -2.57 1.49
C ASP D 275 43.51 -3.57 0.39
N PHE D 276 42.42 -3.74 -0.37
CA PHE D 276 42.31 -4.65 -1.54
C PHE D 276 43.45 -4.25 -2.47
N GLN D 277 43.57 -2.94 -2.81
CA GLN D 277 44.62 -2.42 -3.69
C GLN D 277 46.00 -2.85 -3.19
N ASP D 278 46.33 -2.59 -1.91
CA ASP D 278 47.62 -2.91 -1.31
C ASP D 278 47.96 -4.39 -1.35
N LEU D 279 46.97 -5.29 -1.01
CA LEU D 279 47.15 -6.73 -1.01
C LEU D 279 47.35 -7.23 -2.43
N MET D 280 46.54 -6.72 -3.33
CA MET D 280 46.63 -7.04 -4.75
C MET D 280 47.97 -6.65 -5.36
N LEU D 281 48.55 -5.47 -5.03
CA LEU D 281 49.89 -5.09 -5.49
C LEU D 281 50.96 -6.04 -4.88
N ALA D 282 51.05 -6.09 -3.54
CA ALA D 282 52.00 -6.92 -2.82
C ALA D 282 52.02 -8.40 -3.26
N SER D 283 50.84 -9.01 -3.45
CA SER D 283 50.73 -10.42 -3.84
C SER D 283 51.12 -10.69 -5.32
N GLY D 284 51.13 -9.64 -6.15
CA GLY D 284 51.36 -9.66 -7.58
C GLY D 284 50.14 -10.00 -8.39
N GLU D 285 49.00 -10.17 -7.71
CA GLU D 285 47.70 -10.52 -8.33
C GLU D 285 47.10 -9.40 -9.20
N LEU D 286 47.35 -8.11 -8.85
CA LEU D 286 46.88 -6.97 -9.65
C LEU D 286 47.53 -6.95 -11.03
N THR D 287 48.84 -7.08 -11.11
CA THR D 287 49.56 -7.12 -12.39
C THR D 287 49.21 -8.34 -13.22
N ALA D 288 49.05 -9.51 -12.58
CA ALA D 288 48.64 -10.75 -13.23
C ALA D 288 47.28 -10.59 -13.87
N LYS D 289 46.32 -9.95 -13.14
CA LYS D 289 44.96 -9.72 -13.54
C LYS D 289 45.01 -8.73 -14.69
N ARG D 290 45.76 -7.61 -14.56
CA ARG D 290 45.88 -6.61 -15.61
C ARG D 290 46.44 -7.25 -16.87
N ARG D 291 47.49 -8.09 -16.77
CA ARG D 291 48.09 -8.88 -17.87
C ARG D 291 47.11 -9.70 -18.59
N LYS D 292 46.29 -10.41 -17.83
CA LYS D 292 45.24 -11.29 -18.40
C LYS D 292 44.20 -10.52 -19.19
N GLN D 293 43.73 -9.39 -18.63
CA GLN D 293 42.79 -8.40 -19.15
C GLN D 293 43.35 -7.75 -20.43
N GLN D 294 44.65 -7.40 -20.43
CA GLN D 294 45.34 -6.77 -21.57
C GLN D 294 45.39 -7.74 -22.76
N LYS D 295 45.65 -9.08 -22.48
CA LYS D 295 45.67 -10.14 -23.52
C LYS D 295 44.31 -10.23 -24.13
N VAL D 296 43.24 -10.20 -23.34
CA VAL D 296 41.88 -10.27 -23.88
C VAL D 296 41.55 -9.07 -24.76
N TRP D 297 41.96 -7.88 -24.33
CA TRP D 297 41.73 -6.64 -25.06
C TRP D 297 42.51 -6.59 -26.40
N MET D 298 43.83 -6.86 -26.34
CA MET D 298 44.70 -6.88 -27.51
C MET D 298 44.23 -7.92 -28.51
N TRP D 299 43.86 -9.11 -28.08
CA TRP D 299 43.34 -10.12 -28.97
C TRP D 299 42.04 -9.67 -29.68
N ASN D 300 41.12 -9.04 -28.95
CA ASN D 300 39.88 -8.55 -29.57
C ASN D 300 40.13 -7.52 -30.65
N LEU D 301 41.11 -6.57 -30.42
CA LEU D 301 41.48 -5.53 -31.38
C LEU D 301 42.06 -6.20 -32.61
N ILE D 302 43.01 -7.16 -32.42
CA ILE D 302 43.67 -7.86 -33.52
C ILE D 302 42.68 -8.63 -34.34
N GLN D 303 41.84 -9.45 -33.70
CA GLN D 303 40.76 -10.24 -34.29
C GLN D 303 39.82 -9.36 -35.13
N GLU D 304 39.45 -8.19 -34.64
CA GLU D 304 38.57 -7.27 -35.34
C GLU D 304 39.22 -6.82 -36.64
N SER D 305 40.52 -6.48 -36.61
CA SER D 305 41.25 -6.07 -37.82
C SER D 305 41.44 -7.27 -38.75
N VAL D 306 41.71 -8.51 -38.18
CA VAL D 306 41.81 -9.76 -38.97
C VAL D 306 40.50 -9.97 -39.78
N LEU D 307 39.33 -9.84 -39.14
CA LEU D 307 38.04 -9.94 -39.85
C LEU D 307 37.75 -8.81 -40.82
N GLU D 308 38.17 -7.53 -40.60
CA GLU D 308 37.89 -6.47 -41.60
C GLU D 308 38.70 -6.78 -42.84
N HIS D 309 39.98 -7.13 -42.67
CA HIS D 309 40.90 -7.47 -43.73
C HIS D 309 40.43 -8.69 -44.49
N PHE D 310 39.95 -9.70 -43.77
CA PHE D 310 39.49 -10.91 -44.41
C PHE D 310 38.18 -10.70 -45.19
N ARG D 311 37.13 -10.20 -44.55
CA ARG D 311 35.82 -10.01 -45.16
C ARG D 311 35.83 -9.03 -46.35
N THR D 312 36.89 -8.20 -46.48
CA THR D 312 36.99 -7.23 -47.57
C THR D 312 37.86 -7.73 -48.70
N HIS D 313 38.59 -8.82 -48.46
CA HIS D 313 39.46 -9.45 -49.46
C HIS D 313 38.62 -9.84 -50.73
N PRO D 314 38.95 -9.33 -51.93
CA PRO D 314 38.14 -9.61 -53.12
C PRO D 314 37.75 -11.07 -53.44
N THR D 315 38.67 -12.04 -53.26
CA THR D 315 38.37 -13.47 -53.49
C THR D 315 37.37 -13.96 -52.43
N VAL D 316 37.45 -13.40 -51.19
CA VAL D 316 36.55 -13.67 -50.07
C VAL D 316 35.16 -13.04 -50.36
N ARG D 317 35.09 -11.70 -50.64
CA ARG D 317 33.87 -10.94 -50.99
C ARG D 317 33.05 -11.65 -52.09
N GLU D 318 33.69 -12.00 -53.23
CA GLU D 318 33.05 -12.75 -54.32
C GLU D 318 32.24 -13.94 -53.78
N GLN D 319 32.92 -14.84 -53.08
CA GLN D 319 32.42 -16.14 -52.62
C GLN D 319 31.34 -16.15 -51.54
N ILE D 320 31.36 -15.17 -50.66
CA ILE D 320 30.44 -15.07 -49.52
C ILE D 320 28.95 -15.27 -49.85
N PRO D 321 28.38 -14.57 -50.86
CA PRO D 321 26.95 -14.75 -51.18
C PRO D 321 26.59 -16.20 -51.48
N LEU D 322 27.29 -16.85 -52.43
CA LEU D 322 27.06 -18.23 -52.82
C LEU D 322 27.13 -19.19 -51.64
N LEU D 323 28.12 -18.97 -50.78
CA LEU D 323 28.42 -19.77 -49.61
C LEU D 323 27.34 -19.72 -48.52
N GLU D 324 26.82 -18.52 -48.24
CA GLU D 324 25.75 -18.28 -47.28
C GLU D 324 24.49 -18.98 -47.77
N GLN D 325 24.25 -19.01 -49.11
CA GLN D 325 23.08 -19.68 -49.67
C GLN D 325 23.18 -21.19 -49.34
N LYS D 326 24.32 -21.82 -49.69
CA LYS D 326 24.59 -23.24 -49.46
C LYS D 326 24.44 -23.65 -47.98
N VAL D 327 24.87 -22.81 -47.04
CA VAL D 327 24.74 -23.09 -45.59
C VAL D 327 23.26 -23.13 -45.16
N LEU D 328 22.49 -22.08 -45.50
CA LEU D 328 21.06 -21.88 -45.22
C LEU D 328 20.13 -22.95 -45.85
N ILE D 329 20.46 -23.39 -47.06
CA ILE D 329 19.76 -24.44 -47.81
C ILE D 329 20.04 -25.84 -47.15
N GLY D 330 20.99 -25.87 -46.21
CA GLY D 330 21.44 -27.05 -45.50
C GLY D 330 22.38 -27.92 -46.32
N ALA D 331 22.95 -27.39 -47.43
CA ALA D 331 23.88 -28.12 -48.30
C ALA D 331 25.31 -28.15 -47.75
N LEU D 332 25.61 -27.27 -46.81
CA LEU D 332 26.96 -27.07 -46.30
C LEU D 332 26.94 -26.58 -44.85
N SER D 333 27.96 -26.97 -44.09
CA SER D 333 28.12 -26.57 -42.70
C SER D 333 28.93 -25.28 -42.62
N PRO D 334 28.76 -24.45 -41.57
CA PRO D 334 29.63 -23.25 -41.43
C PRO D 334 31.17 -23.54 -41.44
N GLY D 335 31.60 -24.65 -40.83
CA GLY D 335 33.00 -25.08 -40.82
C GLY D 335 33.56 -25.38 -42.21
N LEU D 336 32.78 -26.08 -43.03
CA LEU D 336 33.18 -26.38 -44.39
C LEU D 336 33.16 -25.13 -45.29
N ALA D 337 32.14 -24.26 -45.11
CA ALA D 337 32.01 -22.96 -45.76
C ALA D 337 33.28 -22.13 -45.39
N ALA D 338 33.65 -22.11 -44.08
CA ALA D 338 34.84 -21.40 -43.59
C ALA D 338 36.12 -21.92 -44.22
N ASP D 339 36.27 -23.26 -44.35
CA ASP D 339 37.42 -23.90 -45.00
C ASP D 339 37.56 -23.45 -46.45
N PHE D 340 36.46 -23.49 -47.26
CA PHE D 340 36.46 -23.02 -48.64
C PHE D 340 36.83 -21.51 -48.72
N LEU D 341 36.40 -20.69 -47.71
CA LEU D 341 36.71 -19.25 -47.64
C LEU D 341 38.18 -18.96 -47.33
N LEU D 342 38.74 -19.70 -46.35
CA LEU D 342 40.16 -19.62 -45.97
C LEU D 342 41.07 -20.06 -47.14
N LYS D 343 40.68 -21.14 -47.89
CA LYS D 343 41.43 -21.60 -49.07
C LYS D 343 41.45 -20.52 -50.14
N ALA D 344 40.27 -19.92 -50.43
CA ALA D 344 40.07 -18.84 -51.40
C ALA D 344 40.99 -17.64 -51.08
N PHE D 345 41.06 -17.23 -49.80
CA PHE D 345 41.92 -16.15 -49.32
C PHE D 345 43.43 -16.49 -49.60
N LYS D 346 43.86 -17.72 -49.21
CA LYS D 346 45.21 -18.24 -49.39
C LYS D 346 45.62 -18.30 -50.90
N SER D 347 44.70 -18.80 -51.78
CA SER D 347 44.90 -18.95 -53.22
C SER D 347 44.28 -17.78 -53.97
#